data_2EKD
#
_entry.id   2EKD
#
_cell.length_a   93.471
_cell.length_b   158.026
_cell.length_c   163.347
_cell.angle_alpha   90.00
_cell.angle_beta   90.00
_cell.angle_gamma   90.00
#
_symmetry.space_group_name_H-M   'C 2 2 21'
#
loop_
_entity.id
_entity.type
_entity.pdbx_description
1 polymer 'Hypothetical protein PH0250'
2 non-polymer 'CHLORIDE ION'
3 water water
#
_entity_poly.entity_id   1
_entity_poly.type   'polypeptide(L)'
_entity_poly.pdbx_seq_one_letter_code
;(MSE)Q(MSE)NSEKFFKLFRVGETVLVEYSGTSRAELLLYYIVNNSKLPIVVDDILDTYYEFYTRLKVAGFDVAPLENV
QVIK(MSE)GGTKDIGRVIGRLNISKYVISEQEY(MSE)EIVSQLKDYPVINPVLGLHKLILLGNTFENINVVK(MSE)V
SNYVGREERIAFYFVNRNVIEKHSSPILDLLEEVVTSILEITDSGIIIKKSIKDEIAGKIVSPLLNF
;
_entity_poly.pdbx_strand_id   A,B,C,D,E,F
#
# COMPACT_ATOMS: atom_id res chain seq x y z
N ASN A 4 25.94 -0.19 33.25
CA ASN A 4 27.28 0.36 33.36
C ASN A 4 27.33 1.86 33.08
N SER A 5 28.55 2.39 33.02
CA SER A 5 28.77 3.81 32.75
C SER A 5 29.87 4.00 31.72
N GLU A 6 31.09 3.62 32.09
CA GLU A 6 32.23 3.74 31.17
C GLU A 6 32.33 2.54 30.25
N LYS A 7 31.67 1.45 30.62
CA LYS A 7 31.68 0.23 29.82
C LYS A 7 30.83 0.45 28.56
N PHE A 8 29.90 1.40 28.64
CA PHE A 8 29.02 1.70 27.51
C PHE A 8 29.82 2.18 26.31
N PHE A 9 30.61 3.23 26.51
CA PHE A 9 31.42 3.77 25.42
C PHE A 9 32.41 2.74 24.87
N LYS A 10 32.77 1.76 25.69
CA LYS A 10 33.70 0.73 25.26
C LYS A 10 33.12 -0.20 24.18
N LEU A 11 31.77 -0.18 24.04
CA LEU A 11 31.17 -0.98 22.98
C LEU A 11 31.60 -0.49 21.59
N PHE A 12 32.08 0.77 21.54
CA PHE A 12 32.45 1.37 20.26
C PHE A 12 33.93 1.77 20.21
N ARG A 13 34.40 1.95 18.99
CA ARG A 13 35.78 2.37 18.72
C ARG A 13 35.74 3.80 18.21
N VAL A 14 36.84 4.52 18.43
CA VAL A 14 36.94 5.88 17.93
C VAL A 14 36.77 5.79 16.42
N GLY A 15 36.09 6.77 15.83
CA GLY A 15 35.86 6.76 14.40
C GLY A 15 34.58 6.09 13.98
N GLU A 16 33.92 5.38 14.89
CA GLU A 16 32.67 4.71 14.57
C GLU A 16 31.52 5.70 14.38
N THR A 17 30.51 5.26 13.66
CA THR A 17 29.30 6.03 13.46
C THR A 17 28.21 5.10 13.97
N VAL A 18 27.56 5.53 15.05
CA VAL A 18 26.52 4.75 15.68
C VAL A 18 25.13 5.29 15.37
N LEU A 19 24.28 4.42 14.84
CA LEU A 19 22.91 4.81 14.53
C LEU A 19 22.07 4.37 15.73
N VAL A 20 21.44 5.32 16.39
CA VAL A 20 20.59 5.04 17.55
C VAL A 20 19.14 5.18 17.11
N GLU A 21 18.45 4.04 16.99
CA GLU A 21 17.05 4.02 16.56
C GLU A 21 16.08 4.00 17.74
N TYR A 22 15.09 4.87 17.66
CA TYR A 22 14.09 4.99 18.70
C TYR A 22 12.73 5.38 18.09
N SER A 23 11.71 5.47 18.93
CA SER A 23 10.38 5.87 18.47
C SER A 23 9.83 6.88 19.46
N GLY A 24 8.65 7.40 19.16
CA GLY A 24 8.03 8.40 20.02
C GLY A 24 7.79 7.98 21.46
N THR A 25 7.70 6.68 21.73
CA THR A 25 7.46 6.19 23.09
C THR A 25 8.74 5.76 23.79
N SER A 26 9.88 5.93 23.13
CA SER A 26 11.16 5.52 23.71
C SER A 26 11.71 6.45 24.76
N ARG A 27 11.37 7.74 24.67
CA ARG A 27 11.93 8.73 25.60
C ARG A 27 13.43 8.63 25.37
N ALA A 28 13.85 8.80 24.12
CA ALA A 28 15.26 8.70 23.74
C ALA A 28 16.14 9.75 24.40
N GLU A 29 15.53 10.86 24.83
CA GLU A 29 16.28 11.93 25.46
C GLU A 29 17.00 11.40 26.71
N LEU A 30 16.44 10.38 27.35
CA LEU A 30 17.04 9.78 28.54
C LEU A 30 18.41 9.22 28.19
N LEU A 31 18.52 8.59 27.04
CA LEU A 31 19.79 8.02 26.60
C LEU A 31 20.75 9.12 26.20
N LEU A 32 20.22 10.21 25.64
CA LEU A 32 21.07 11.34 25.25
C LEU A 32 21.67 11.92 26.51
N TYR A 33 20.82 12.14 27.51
CA TYR A 33 21.27 12.69 28.77
C TYR A 33 22.41 11.85 29.32
N TYR A 34 22.22 10.53 29.31
CA TYR A 34 23.21 9.60 29.82
C TYR A 34 24.56 9.75 29.11
N ILE A 35 24.53 9.84 27.79
CA ILE A 35 25.75 9.99 26.99
C ILE A 35 26.47 11.32 27.27
N VAL A 36 25.71 12.40 27.38
CA VAL A 36 26.28 13.71 27.62
C VAL A 36 26.80 13.86 29.04
N ASN A 37 26.02 13.34 29.99
CA ASN A 37 26.36 13.44 31.40
C ASN A 37 27.39 12.43 31.93
N ASN A 38 27.73 11.43 31.12
CA ASN A 38 28.70 10.41 31.54
C ASN A 38 29.92 10.36 30.65
N SER A 39 29.97 11.25 29.66
CA SER A 39 31.11 11.31 28.78
C SER A 39 32.26 12.09 29.40
N LYS A 40 33.43 11.43 29.43
CA LYS A 40 34.61 12.11 29.94
C LYS A 40 35.28 12.95 28.85
N LEU A 41 35.11 12.48 27.59
CA LEU A 41 35.57 13.27 26.46
C LEU A 41 34.65 14.49 26.23
N PRO A 42 35.11 15.47 25.44
CA PRO A 42 34.27 16.65 25.16
C PRO A 42 33.03 16.23 24.36
N ILE A 43 31.92 16.92 24.59
CA ILE A 43 30.69 16.63 23.88
C ILE A 43 30.40 17.70 22.83
N VAL A 44 30.21 17.28 21.59
CA VAL A 44 29.90 18.22 20.50
C VAL A 44 28.63 17.73 19.84
N VAL A 45 27.57 18.51 19.97
CA VAL A 45 26.27 18.16 19.41
C VAL A 45 25.95 18.82 18.08
N ASP A 46 25.51 18.02 17.11
CA ASP A 46 25.09 18.55 15.81
C ASP A 46 23.57 18.60 15.98
N ASP A 47 23.05 19.81 16.10
CA ASP A 47 21.63 20.04 16.32
C ASP A 47 20.88 20.42 15.04
N ILE A 48 20.16 19.46 14.49
CA ILE A 48 19.41 19.69 13.25
C ILE A 48 17.99 20.13 13.54
N LEU A 49 17.63 21.28 12.97
CA LEU A 49 16.31 21.87 13.11
C LEU A 49 15.73 21.92 14.52
N ASP A 50 16.48 22.55 15.43
CA ASP A 50 16.07 22.73 16.81
C ASP A 50 15.64 21.48 17.56
N THR A 51 16.22 20.34 17.20
CA THR A 51 15.87 19.10 17.86
C THR A 51 16.52 19.00 19.24
N TYR A 52 17.67 19.65 19.41
CA TYR A 52 18.33 19.61 20.71
C TYR A 52 17.43 20.31 21.74
N TYR A 53 16.77 21.38 21.30
CA TYR A 53 15.86 22.12 22.18
C TYR A 53 14.70 21.25 22.66
N GLU A 54 14.20 20.37 21.79
CA GLU A 54 13.08 19.49 22.13
C GLU A 54 13.52 18.46 23.19
N PHE A 55 14.67 17.82 22.97
CA PHE A 55 15.20 16.85 23.92
C PHE A 55 15.40 17.54 25.27
N TYR A 56 16.01 18.73 25.19
CA TYR A 56 16.30 19.57 26.36
C TYR A 56 15.04 19.92 27.16
N THR A 57 14.02 20.48 26.50
CA THR A 57 12.80 20.84 27.21
C THR A 57 12.13 19.64 27.85
N ARG A 58 12.20 18.49 27.18
CA ARG A 58 11.58 17.28 27.70
C ARG A 58 12.28 16.83 28.98
N LEU A 59 13.61 16.88 28.98
CA LEU A 59 14.36 16.46 30.16
C LEU A 59 14.12 17.46 31.30
N LYS A 60 14.08 18.74 30.96
CA LYS A 60 13.88 19.79 31.94
C LYS A 60 12.55 19.59 32.65
N VAL A 61 11.50 19.33 31.87
CA VAL A 61 10.17 19.10 32.43
C VAL A 61 10.16 17.83 33.28
N ALA A 62 10.99 16.85 32.91
CA ALA A 62 11.05 15.60 33.67
C ALA A 62 11.78 15.79 34.99
N GLY A 63 12.32 16.99 35.20
CA GLY A 63 13.01 17.29 36.44
C GLY A 63 14.50 17.01 36.45
N PHE A 64 15.09 16.80 35.28
CA PHE A 64 16.53 16.54 35.21
C PHE A 64 17.33 17.84 35.32
N ASP A 65 18.54 17.72 35.86
CA ASP A 65 19.43 18.87 35.95
C ASP A 65 20.02 18.96 34.55
N VAL A 66 19.62 20.00 33.81
CA VAL A 66 20.09 20.16 32.44
C VAL A 66 21.30 21.06 32.22
N ALA A 67 21.96 21.47 33.31
CA ALA A 67 23.14 22.31 33.19
C ALA A 67 24.15 21.62 32.27
N PRO A 68 24.30 20.29 32.38
CA PRO A 68 25.24 19.56 31.53
C PRO A 68 24.93 19.73 30.04
N LEU A 69 23.65 19.85 29.71
CA LEU A 69 23.24 20.00 28.31
C LEU A 69 23.57 21.41 27.79
N GLU A 70 23.53 22.38 28.69
CA GLU A 70 23.80 23.77 28.33
C GLU A 70 25.30 24.08 28.18
N ASN A 71 26.16 23.21 28.68
CA ASN A 71 27.60 23.45 28.62
C ASN A 71 28.36 22.75 27.49
N VAL A 72 27.67 21.94 26.71
CA VAL A 72 28.33 21.26 25.60
C VAL A 72 28.44 22.23 24.43
N GLN A 73 29.34 21.94 23.50
CA GLN A 73 29.50 22.77 22.32
C GLN A 73 28.46 22.30 21.28
N VAL A 74 27.92 23.23 20.51
CA VAL A 74 26.90 22.87 19.55
C VAL A 74 27.02 23.51 18.19
N ILE A 75 26.74 22.71 17.17
CA ILE A 75 26.75 23.17 15.80
C ILE A 75 25.31 23.07 15.32
N LYS A 76 24.68 24.22 15.11
CA LYS A 76 23.30 24.23 14.68
C LYS A 76 23.17 24.15 13.17
N GLY A 78 20.34 24.74 10.81
CA GLY A 78 19.00 25.28 10.69
C GLY A 78 18.51 25.56 12.10
N GLY A 79 17.22 25.87 12.26
CA GLY A 79 16.69 26.14 13.58
C GLY A 79 16.95 27.52 14.12
N THR A 80 16.16 27.92 15.12
CA THR A 80 16.29 29.24 15.73
C THR A 80 16.26 29.20 17.27
N LYS A 81 16.31 27.99 17.83
CA LYS A 81 16.28 27.83 19.28
C LYS A 81 17.65 27.41 19.77
N ASP A 82 18.38 28.33 20.37
CA ASP A 82 19.72 28.00 20.85
C ASP A 82 19.74 27.37 22.23
N ILE A 83 20.44 26.24 22.33
CA ILE A 83 20.63 25.52 23.58
C ILE A 83 22.09 25.10 23.54
N GLY A 84 22.78 25.22 24.65
CA GLY A 84 24.19 24.87 24.69
C GLY A 84 25.04 26.01 24.17
N ARG A 85 26.32 25.73 23.91
CA ARG A 85 27.22 26.75 23.41
C ARG A 85 27.41 26.60 21.90
N VAL A 86 26.70 27.44 21.15
CA VAL A 86 26.78 27.37 19.68
C VAL A 86 28.13 27.87 19.15
N ILE A 87 28.92 26.91 18.62
CA ILE A 87 30.20 27.28 18.03
C ILE A 87 30.13 27.43 16.51
N GLY A 88 28.93 27.12 15.96
CA GLY A 88 28.79 27.22 14.50
C GLY A 88 27.32 27.06 14.07
N ARG A 89 27.00 27.71 12.97
CA ARG A 89 25.65 27.66 12.39
C ARG A 89 25.76 27.32 10.92
N LEU A 90 24.85 26.49 10.42
CA LEU A 90 24.85 26.10 9.02
C LEU A 90 23.45 26.18 8.46
N ASN A 91 23.34 26.72 7.26
CA ASN A 91 22.05 26.85 6.59
C ASN A 91 21.78 25.53 5.88
N ILE A 92 20.51 25.17 5.80
CA ILE A 92 20.10 23.94 5.14
C ILE A 92 19.64 24.28 3.73
N SER A 93 20.25 23.62 2.75
CA SER A 93 19.90 23.82 1.35
C SER A 93 19.70 22.47 0.64
N LYS A 94 18.54 22.36 -0.02
CA LYS A 94 18.19 21.06 -0.60
C LYS A 94 18.32 19.97 0.48
N TYR A 95 17.92 20.37 1.71
CA TYR A 95 17.85 19.44 2.86
C TYR A 95 19.22 18.82 3.22
N VAL A 96 20.30 19.57 3.02
CA VAL A 96 21.65 19.15 3.41
C VAL A 96 22.47 20.40 3.72
N ILE A 97 23.66 20.21 4.26
CA ILE A 97 24.51 21.34 4.60
C ILE A 97 25.83 21.28 3.86
N SER A 98 26.54 22.40 3.85
CA SER A 98 27.83 22.49 3.20
C SER A 98 28.86 21.80 4.08
N GLU A 99 29.34 20.65 3.64
CA GLU A 99 30.32 19.90 4.42
C GLU A 99 31.63 20.68 4.52
N GLN A 100 31.92 21.49 3.51
CA GLN A 100 33.13 22.30 3.53
C GLN A 100 33.06 23.35 4.64
N GLU A 101 31.94 24.05 4.75
CA GLU A 101 31.81 25.06 5.79
C GLU A 101 31.80 24.35 7.13
N TYR A 102 31.18 23.17 7.18
CA TYR A 102 31.12 22.39 8.41
C TYR A 102 32.54 22.07 8.89
N GLU A 104 35.20 23.65 8.33
CA GLU A 104 35.83 24.88 8.81
C GLU A 104 35.33 25.18 10.22
N ILE A 105 34.05 24.95 10.46
CA ILE A 105 33.48 25.19 11.77
C ILE A 105 34.12 24.31 12.83
N VAL A 106 34.33 23.03 12.52
CA VAL A 106 34.91 22.11 13.49
C VAL A 106 36.44 22.21 13.60
N SER A 107 37.06 23.04 12.77
CA SER A 107 38.51 23.20 12.80
C SER A 107 38.94 23.87 14.10
N GLN A 108 38.00 24.51 14.78
CA GLN A 108 38.30 25.18 16.06
C GLN A 108 38.45 24.19 17.22
N LEU A 109 37.96 22.97 17.02
CA LEU A 109 38.06 21.96 18.06
C LEU A 109 39.50 21.43 18.10
N LYS A 110 40.07 21.31 19.30
CA LYS A 110 41.44 20.85 19.45
C LYS A 110 41.61 19.80 20.55
N ASP A 111 40.51 19.37 21.13
CA ASP A 111 40.53 18.37 22.21
C ASP A 111 39.86 17.10 21.70
N TYR A 112 40.57 16.36 20.86
CA TYR A 112 40.05 15.11 20.29
C TYR A 112 40.53 13.88 21.06
N PRO A 113 39.75 12.78 21.03
CA PRO A 113 38.46 12.67 20.34
C PRO A 113 37.30 13.25 21.14
N VAL A 114 36.15 13.37 20.49
CA VAL A 114 34.96 13.90 21.14
C VAL A 114 33.80 12.94 20.91
N ILE A 115 32.78 13.03 21.76
CA ILE A 115 31.57 12.21 21.59
C ILE A 115 30.66 13.14 20.80
N ASN A 116 30.22 12.70 19.63
CA ASN A 116 29.40 13.53 18.75
C ASN A 116 27.93 13.14 18.52
N PRO A 117 27.02 13.60 19.40
CA PRO A 117 25.62 13.25 19.19
C PRO A 117 25.03 14.08 18.04
N VAL A 118 24.29 13.44 17.15
CA VAL A 118 23.65 14.13 16.02
C VAL A 118 22.16 13.91 16.21
N LEU A 119 21.39 14.99 16.31
CA LEU A 119 19.96 14.88 16.54
C LEU A 119 19.12 15.49 15.42
N GLY A 120 18.00 14.85 15.11
CA GLY A 120 17.09 15.36 14.09
C GLY A 120 17.31 14.98 12.63
N LEU A 121 18.13 13.96 12.37
CA LEU A 121 18.37 13.56 11.00
C LEU A 121 17.08 13.14 10.28
N HIS A 122 16.21 12.41 10.97
CA HIS A 122 15.00 11.95 10.29
C HIS A 122 14.13 13.13 9.82
N LYS A 123 14.35 14.33 10.34
CA LYS A 123 13.60 15.50 9.87
C LYS A 123 14.01 15.90 8.47
N LEU A 124 15.31 15.84 8.19
CA LEU A 124 15.82 16.20 6.87
C LEU A 124 15.32 15.20 5.83
N ILE A 125 15.17 13.95 6.27
CA ILE A 125 14.72 12.87 5.41
C ILE A 125 13.22 12.98 5.10
N LEU A 126 12.43 13.24 6.13
CA LEU A 126 10.99 13.36 5.98
C LEU A 126 10.64 14.50 5.03
N LEU A 127 11.51 15.52 5.01
CA LEU A 127 11.32 16.71 4.16
C LEU A 127 11.75 16.58 2.70
N GLY A 128 12.77 15.79 2.43
CA GLY A 128 13.25 15.66 1.06
C GLY A 128 12.67 14.51 0.25
N ASN A 129 13.03 14.47 -1.03
CA ASN A 129 12.60 13.40 -1.91
C ASN A 129 13.69 12.34 -1.90
N THR A 130 13.56 11.33 -2.74
CA THR A 130 14.55 10.26 -2.78
C THR A 130 15.95 10.78 -3.09
N PHE A 131 16.06 11.62 -4.11
CA PHE A 131 17.35 12.17 -4.49
C PHE A 131 18.02 12.87 -3.32
N GLU A 132 17.25 13.70 -2.64
CA GLU A 132 17.76 14.45 -1.50
C GLU A 132 18.06 13.55 -0.30
N ASN A 133 17.27 12.50 -0.11
CA ASN A 133 17.48 11.57 0.99
C ASN A 133 18.81 10.85 0.80
N ILE A 134 19.14 10.55 -0.44
CA ILE A 134 20.39 9.87 -0.76
C ILE A 134 21.57 10.77 -0.40
N ASN A 135 21.46 12.07 -0.69
CA ASN A 135 22.54 13.00 -0.37
C ASN A 135 22.72 13.09 1.15
N VAL A 136 21.62 12.92 1.88
CA VAL A 136 21.68 12.96 3.34
C VAL A 136 22.47 11.75 3.86
N VAL A 137 22.18 10.58 3.31
CA VAL A 137 22.88 9.36 3.70
C VAL A 137 24.34 9.50 3.30
N LYS A 138 24.57 10.15 2.15
CA LYS A 138 25.91 10.39 1.62
C LYS A 138 26.68 11.24 2.63
N VAL A 140 26.20 11.34 5.80
CA VAL A 140 26.53 10.45 6.90
C VAL A 140 27.73 9.54 6.61
N SER A 141 27.72 8.90 5.45
CA SER A 141 28.83 7.99 5.14
C SER A 141 30.17 8.69 4.93
N ASN A 142 30.12 9.97 4.55
CA ASN A 142 31.36 10.72 4.32
C ASN A 142 32.25 10.85 5.55
N TYR A 143 31.66 10.80 6.74
CA TYR A 143 32.42 10.95 7.96
C TYR A 143 32.71 9.64 8.69
N VAL A 144 32.12 8.54 8.21
CA VAL A 144 32.36 7.25 8.83
C VAL A 144 33.86 6.98 8.88
N GLY A 145 34.37 6.65 10.08
CA GLY A 145 35.78 6.35 10.22
C GLY A 145 36.69 7.47 10.69
N ARG A 146 36.21 8.71 10.72
CA ARG A 146 37.06 9.81 11.18
C ARG A 146 37.31 9.66 12.68
N GLU A 147 38.56 9.40 13.01
CA GLU A 147 38.96 9.17 14.39
C GLU A 147 38.85 10.35 15.34
N GLU A 148 38.45 11.51 14.82
CA GLU A 148 38.30 12.67 15.69
C GLU A 148 37.12 12.50 16.65
N ARG A 149 36.22 11.56 16.35
CA ARG A 149 35.06 11.36 17.22
C ARG A 149 34.35 10.02 17.07
N ILE A 150 33.28 9.90 17.85
CA ILE A 150 32.38 8.74 17.80
C ILE A 150 31.03 9.44 17.68
N ALA A 151 30.36 9.24 16.55
CA ALA A 151 29.07 9.87 16.33
C ALA A 151 27.89 8.97 16.67
N PHE A 152 26.89 9.54 17.35
CA PHE A 152 25.70 8.82 17.72
C PHE A 152 24.53 9.53 17.06
N TYR A 153 24.05 8.98 15.96
CA TYR A 153 22.93 9.57 15.24
C TYR A 153 21.62 9.10 15.82
N PHE A 154 20.93 9.99 16.51
CA PHE A 154 19.62 9.66 17.07
C PHE A 154 18.56 9.88 15.99
N VAL A 155 17.94 8.81 15.53
CA VAL A 155 16.92 8.92 14.50
C VAL A 155 15.62 8.23 14.89
N ASN A 156 14.50 8.91 14.65
CA ASN A 156 13.22 8.32 14.95
C ASN A 156 13.02 7.33 13.81
N ARG A 157 13.16 6.05 14.14
CA ARG A 157 13.06 4.96 13.18
C ARG A 157 11.79 4.92 12.33
N ASN A 158 10.63 5.02 12.96
CA ASN A 158 9.36 4.97 12.23
C ASN A 158 9.22 6.13 11.24
N VAL A 159 9.69 7.30 11.62
CA VAL A 159 9.60 8.45 10.73
C VAL A 159 10.29 8.13 9.40
N ILE A 160 11.55 7.70 9.48
CA ILE A 160 12.30 7.38 8.27
C ILE A 160 11.69 6.21 7.49
N GLU A 161 11.50 5.10 8.18
CA GLU A 161 10.94 3.91 7.58
C GLU A 161 9.61 4.14 6.86
N LYS A 162 8.71 4.85 7.53
CA LYS A 162 7.39 5.13 6.96
C LYS A 162 7.42 6.14 5.83
N HIS A 163 8.47 6.95 5.76
CA HIS A 163 8.58 7.94 4.69
C HIS A 163 9.33 7.34 3.50
N SER A 164 10.40 6.61 3.79
CA SER A 164 11.20 5.98 2.75
C SER A 164 11.97 4.80 3.31
N SER A 165 11.34 3.62 3.28
CA SER A 165 11.96 2.41 3.79
C SER A 165 13.32 2.15 3.16
N PRO A 166 13.47 2.43 1.86
CA PRO A 166 14.78 2.18 1.24
C PRO A 166 15.89 3.00 1.90
N ILE A 167 15.54 4.22 2.31
CA ILE A 167 16.51 5.11 2.95
C ILE A 167 16.99 4.59 4.29
N LEU A 168 16.10 3.96 5.06
CA LEU A 168 16.50 3.42 6.34
C LEU A 168 17.54 2.31 6.15
N ASP A 169 17.33 1.46 5.16
CA ASP A 169 18.26 0.37 4.88
C ASP A 169 19.64 0.88 4.43
N LEU A 170 19.66 2.00 3.71
CA LEU A 170 20.92 2.58 3.25
C LEU A 170 21.69 3.10 4.45
N LEU A 171 20.98 3.75 5.37
CA LEU A 171 21.57 4.30 6.58
C LEU A 171 22.18 3.20 7.43
N GLU A 172 21.41 2.14 7.64
CA GLU A 172 21.90 1.05 8.47
C GLU A 172 23.14 0.42 7.85
N GLU A 173 23.20 0.43 6.52
CA GLU A 173 24.34 -0.12 5.78
C GLU A 173 25.64 0.67 5.94
N VAL A 174 25.55 2.00 5.92
CA VAL A 174 26.75 2.83 6.02
C VAL A 174 27.30 3.07 7.42
N VAL A 175 26.51 2.83 8.46
CA VAL A 175 27.00 3.02 9.82
C VAL A 175 27.73 1.76 10.28
N THR A 176 28.54 1.86 11.32
CA THR A 176 29.31 0.73 11.82
C THR A 176 28.64 -0.01 12.98
N SER A 177 27.80 0.70 13.71
CA SER A 177 27.07 0.12 14.82
C SER A 177 25.66 0.68 14.84
N ILE A 178 24.71 -0.16 15.27
CA ILE A 178 23.31 0.24 15.35
C ILE A 178 22.72 -0.20 16.68
N LEU A 179 22.12 0.75 17.39
CA LEU A 179 21.47 0.49 18.66
C LEU A 179 19.98 0.76 18.46
N GLU A 180 19.13 -0.04 19.09
CA GLU A 180 17.69 0.16 18.98
C GLU A 180 17.09 0.18 20.38
N ILE A 181 16.49 1.30 20.75
CA ILE A 181 15.88 1.42 22.05
C ILE A 181 14.53 0.70 22.05
N THR A 182 14.32 -0.15 23.06
CA THR A 182 13.07 -0.88 23.22
C THR A 182 12.74 -0.81 24.71
N ASP A 183 11.55 -1.25 25.08
CA ASP A 183 11.14 -1.21 26.48
C ASP A 183 11.95 -2.15 27.37
N SER A 184 12.49 -3.22 26.79
CA SER A 184 13.27 -4.18 27.57
C SER A 184 14.75 -3.78 27.66
N GLY A 185 15.12 -2.75 26.90
CA GLY A 185 16.50 -2.30 26.90
C GLY A 185 16.98 -1.92 25.51
N ILE A 186 18.28 -1.79 25.33
CA ILE A 186 18.86 -1.41 24.06
C ILE A 186 19.44 -2.60 23.27
N ILE A 187 18.87 -2.85 22.09
CA ILE A 187 19.32 -3.93 21.24
C ILE A 187 20.50 -3.50 20.39
N ILE A 188 21.57 -4.30 20.39
CA ILE A 188 22.73 -4.01 19.57
C ILE A 188 22.47 -4.77 18.26
N LYS A 189 21.84 -4.12 17.29
CA LYS A 189 21.52 -4.74 16.00
C LYS A 189 22.71 -4.97 15.09
N LYS A 190 23.74 -4.16 15.26
CA LYS A 190 24.95 -4.30 14.46
C LYS A 190 26.13 -3.76 15.24
N SER A 191 27.25 -4.45 15.16
CA SER A 191 28.46 -4.00 15.85
C SER A 191 29.72 -4.55 15.19
N ILE A 192 30.82 -3.81 15.37
CA ILE A 192 32.11 -4.29 14.81
C ILE A 192 32.58 -5.55 15.54
N LYS A 193 32.03 -5.73 16.77
CA LYS A 193 32.23 -6.97 17.52
C LYS A 193 31.11 -7.99 17.25
N ASP A 194 31.49 -9.08 16.60
CA ASP A 194 30.57 -10.15 16.24
C ASP A 194 29.80 -10.72 17.43
N GLU A 195 30.50 -10.87 18.55
CA GLU A 195 29.90 -11.43 19.76
C GLU A 195 28.64 -10.74 20.28
N ILE A 196 28.71 -9.42 20.45
CA ILE A 196 27.60 -8.64 20.99
C ILE A 196 26.36 -8.46 20.10
N ALA A 197 26.51 -8.66 18.80
CA ALA A 197 25.37 -8.49 17.90
C ALA A 197 24.17 -9.35 18.29
N GLY A 198 23.05 -8.68 18.58
CA GLY A 198 21.84 -9.38 18.97
C GLY A 198 21.59 -9.30 20.47
N LYS A 199 22.61 -8.89 21.21
CA LYS A 199 22.51 -8.75 22.66
C LYS A 199 21.80 -7.48 23.06
N ILE A 200 21.18 -7.51 24.23
CA ILE A 200 20.45 -6.38 24.78
C ILE A 200 21.14 -5.91 26.06
N VAL A 201 21.30 -4.59 26.20
CA VAL A 201 21.91 -4.01 27.39
C VAL A 201 21.01 -2.93 27.97
N SER A 202 21.12 -2.72 29.28
CA SER A 202 20.32 -1.71 29.96
C SER A 202 21.27 -0.81 30.73
N PRO A 203 22.02 0.04 30.03
CA PRO A 203 22.99 0.94 30.68
C PRO A 203 22.35 1.97 31.61
N LEU A 204 21.06 2.23 31.44
CA LEU A 204 20.37 3.20 32.28
C LEU A 204 19.89 2.64 33.62
N LEU A 205 20.08 1.35 33.85
CA LEU A 205 19.66 0.73 35.10
C LEU A 205 20.31 1.39 36.31
N ASN B 4 38.39 -22.19 2.85
CA ASN B 4 39.44 -21.50 2.09
C ASN B 4 38.82 -20.69 0.96
N SER B 5 39.40 -19.53 0.69
CA SER B 5 38.92 -18.64 -0.36
C SER B 5 38.61 -19.33 -1.68
N GLU B 6 39.57 -20.10 -2.20
CA GLU B 6 39.37 -20.76 -3.49
C GLU B 6 38.36 -21.91 -3.45
N LYS B 7 38.11 -22.45 -2.23
CA LYS B 7 37.11 -23.52 -2.13
C LYS B 7 35.74 -22.91 -2.40
N PHE B 8 35.59 -21.66 -1.89
CA PHE B 8 34.33 -20.92 -2.07
C PHE B 8 34.08 -20.65 -3.54
N PHE B 9 35.10 -20.18 -4.26
CA PHE B 9 34.95 -19.89 -5.68
C PHE B 9 34.60 -21.12 -6.50
N LYS B 10 34.93 -22.31 -5.98
CA LYS B 10 34.64 -23.56 -6.68
C LYS B 10 33.14 -23.80 -6.80
N LEU B 11 32.36 -23.04 -6.04
CA LEU B 11 30.91 -23.17 -6.08
C LEU B 11 30.36 -22.54 -7.35
N PHE B 12 31.18 -21.77 -8.05
CA PHE B 12 30.75 -21.09 -9.26
C PHE B 12 31.64 -21.40 -10.47
N ARG B 13 31.10 -21.20 -11.66
CA ARG B 13 31.83 -21.45 -12.90
C ARG B 13 32.22 -20.11 -13.53
N VAL B 14 33.28 -20.11 -14.34
CA VAL B 14 33.68 -18.89 -15.00
C VAL B 14 32.50 -18.51 -15.90
N GLY B 15 32.19 -17.23 -15.97
CA GLY B 15 31.08 -16.78 -16.78
C GLY B 15 29.84 -16.49 -15.95
N GLU B 16 29.78 -17.01 -14.74
CA GLU B 16 28.61 -16.76 -13.91
C GLU B 16 28.51 -15.32 -13.44
N THR B 17 27.28 -14.92 -13.13
CA THR B 17 27.00 -13.62 -12.57
C THR B 17 26.30 -14.00 -11.28
N VAL B 18 26.94 -13.67 -10.16
CA VAL B 18 26.41 -14.01 -8.85
C VAL B 18 25.82 -12.80 -8.14
N LEU B 19 24.55 -12.92 -7.74
CA LEU B 19 23.88 -11.84 -7.03
C LEU B 19 24.02 -12.09 -5.54
N VAL B 20 24.69 -11.17 -4.84
CA VAL B 20 24.87 -11.30 -3.40
C VAL B 20 23.93 -10.31 -2.73
N GLU B 21 22.84 -10.84 -2.15
CA GLU B 21 21.84 -10.02 -1.50
C GLU B 21 22.15 -9.89 -0.01
N TYR B 22 22.08 -8.66 0.48
CA TYR B 22 22.37 -8.41 1.89
C TYR B 22 21.52 -7.26 2.36
N SER B 23 21.56 -7.00 3.67
CA SER B 23 20.80 -5.89 4.26
C SER B 23 21.80 -5.01 5.03
N GLY B 24 21.30 -3.94 5.63
CA GLY B 24 22.15 -3.04 6.37
C GLY B 24 22.83 -3.65 7.59
N THR B 25 22.20 -4.65 8.21
CA THR B 25 22.77 -5.31 9.40
C THR B 25 23.69 -6.49 9.06
N SER B 26 23.77 -6.84 7.78
CA SER B 26 24.60 -7.98 7.33
C SER B 26 26.12 -7.80 7.39
N ARG B 27 26.61 -6.57 7.34
CA ARG B 27 28.04 -6.31 7.37
C ARG B 27 28.64 -7.00 6.15
N ALA B 28 28.04 -6.71 4.99
CA ALA B 28 28.48 -7.32 3.73
C ALA B 28 29.95 -7.09 3.41
N GLU B 29 30.53 -6.03 3.94
CA GLU B 29 31.94 -5.74 3.67
C GLU B 29 32.87 -6.88 4.13
N LEU B 30 32.41 -7.69 5.07
CA LEU B 30 33.20 -8.81 5.55
C LEU B 30 33.36 -9.86 4.45
N LEU B 31 32.27 -10.14 3.74
CA LEU B 31 32.32 -11.13 2.66
C LEU B 31 33.17 -10.56 1.52
N LEU B 32 33.03 -9.27 1.25
CA LEU B 32 33.83 -8.64 0.20
C LEU B 32 35.31 -8.76 0.53
N TYR B 33 35.66 -8.55 1.81
CA TYR B 33 37.04 -8.64 2.24
C TYR B 33 37.53 -10.08 2.01
N TYR B 34 36.74 -11.04 2.46
CA TYR B 34 37.05 -12.45 2.30
C TYR B 34 37.34 -12.79 0.83
N ILE B 35 36.56 -12.19 -0.07
CA ILE B 35 36.72 -12.43 -1.49
C ILE B 35 38.00 -11.80 -2.06
N VAL B 36 38.33 -10.60 -1.59
CA VAL B 36 39.50 -9.90 -2.08
C VAL B 36 40.82 -10.32 -1.41
N ASN B 37 40.80 -10.61 -0.12
CA ASN B 37 42.02 -10.98 0.59
C ASN B 37 42.70 -12.25 0.10
N ASN B 38 43.98 -12.11 -0.23
CA ASN B 38 44.80 -13.24 -0.70
C ASN B 38 44.14 -14.03 -1.83
N SER B 39 43.44 -13.33 -2.73
CA SER B 39 42.79 -13.99 -3.85
C SER B 39 43.82 -14.53 -4.83
N LYS B 40 43.62 -15.76 -5.30
CA LYS B 40 44.53 -16.39 -6.24
C LYS B 40 44.39 -15.83 -7.64
N LEU B 41 43.19 -15.34 -7.97
CA LEU B 41 42.95 -14.75 -9.28
C LEU B 41 42.91 -13.23 -9.15
N PRO B 42 43.14 -12.51 -10.26
CA PRO B 42 43.12 -11.04 -10.20
C PRO B 42 41.74 -10.52 -9.81
N ILE B 43 41.73 -9.48 -8.98
CA ILE B 43 40.48 -8.89 -8.54
C ILE B 43 40.24 -7.56 -9.25
N VAL B 44 39.05 -7.40 -9.82
CA VAL B 44 38.68 -6.17 -10.48
C VAL B 44 37.34 -5.75 -9.90
N VAL B 45 37.32 -4.58 -9.28
CA VAL B 45 36.11 -4.05 -8.65
C VAL B 45 35.41 -2.97 -9.48
N ASP B 46 34.14 -3.21 -9.79
CA ASP B 46 33.35 -2.20 -10.49
C ASP B 46 32.73 -1.42 -9.32
N ASP B 47 33.17 -0.17 -9.17
CA ASP B 47 32.73 0.69 -8.07
C ASP B 47 31.70 1.73 -8.50
N ILE B 48 30.44 1.47 -8.15
CA ILE B 48 29.37 2.39 -8.50
C ILE B 48 29.10 3.42 -7.41
N LEU B 49 29.09 4.69 -7.81
CA LEU B 49 28.81 5.80 -6.90
C LEU B 49 29.54 5.73 -5.56
N ASP B 50 30.86 5.57 -5.62
CA ASP B 50 31.69 5.53 -4.42
C ASP B 50 31.25 4.56 -3.35
N THR B 51 30.71 3.41 -3.74
CA THR B 51 30.29 2.42 -2.76
C THR B 51 31.49 1.64 -2.24
N TYR B 52 32.54 1.53 -3.07
CA TYR B 52 33.73 0.81 -2.63
C TYR B 52 34.36 1.58 -1.48
N TYR B 53 34.34 2.91 -1.56
CA TYR B 53 34.88 3.73 -0.49
C TYR B 53 34.16 3.46 0.84
N GLU B 54 32.86 3.22 0.77
CA GLU B 54 32.06 2.95 1.97
C GLU B 54 32.46 1.61 2.60
N PHE B 55 32.63 0.58 1.77
CA PHE B 55 33.01 -0.74 2.26
C PHE B 55 34.40 -0.63 2.89
N TYR B 56 35.29 0.08 2.19
CA TYR B 56 36.66 0.30 2.62
C TYR B 56 36.76 0.95 3.99
N THR B 57 36.09 2.08 4.16
CA THR B 57 36.13 2.79 5.44
C THR B 57 35.56 1.96 6.59
N ARG B 58 34.50 1.20 6.31
CA ARG B 58 33.89 0.38 7.35
C ARG B 58 34.87 -0.71 7.79
N LEU B 59 35.53 -1.33 6.83
CA LEU B 59 36.49 -2.39 7.12
C LEU B 59 37.71 -1.81 7.85
N LYS B 60 38.12 -0.61 7.46
CA LYS B 60 39.28 0.05 8.07
C LYS B 60 39.01 0.32 9.54
N VAL B 61 37.83 0.87 9.83
CA VAL B 61 37.48 1.15 11.22
C VAL B 61 37.40 -0.15 12.03
N ALA B 62 36.92 -1.21 11.36
CA ALA B 62 36.79 -2.49 12.04
C ALA B 62 38.17 -3.08 12.40
N GLY B 63 39.23 -2.42 11.90
CA GLY B 63 40.59 -2.83 12.26
C GLY B 63 41.21 -3.78 11.22
N PHE B 64 40.56 -3.97 10.09
CA PHE B 64 41.12 -4.85 9.06
C PHE B 64 42.32 -4.21 8.39
N ASP B 65 43.12 -5.04 7.73
CA ASP B 65 44.27 -4.57 7.00
C ASP B 65 43.69 -4.33 5.61
N VAL B 66 43.52 -3.07 5.25
CA VAL B 66 42.93 -2.71 3.98
C VAL B 66 43.89 -2.62 2.81
N ALA B 67 45.16 -2.92 3.04
CA ALA B 67 46.15 -2.87 1.97
C ALA B 67 45.66 -3.64 0.73
N PRO B 68 45.10 -4.85 0.94
CA PRO B 68 44.62 -5.66 -0.20
C PRO B 68 43.53 -4.96 -0.99
N LEU B 69 42.73 -4.14 -0.31
CA LEU B 69 41.65 -3.41 -0.97
C LEU B 69 42.24 -2.27 -1.81
N GLU B 70 43.38 -1.74 -1.37
CA GLU B 70 44.03 -0.65 -2.07
C GLU B 70 44.79 -1.14 -3.31
N ASN B 71 45.14 -2.42 -3.30
CA ASN B 71 45.89 -3.01 -4.41
C ASN B 71 45.10 -3.57 -5.59
N VAL B 72 43.79 -3.77 -5.43
CA VAL B 72 43.00 -4.31 -6.53
C VAL B 72 42.75 -3.21 -7.57
N GLN B 73 42.47 -3.62 -8.80
CA GLN B 73 42.19 -2.65 -9.86
C GLN B 73 40.71 -2.30 -9.76
N VAL B 74 40.37 -1.05 -10.05
CA VAL B 74 39.00 -0.58 -9.95
C VAL B 74 38.50 0.18 -11.18
N ILE B 75 37.21 0.01 -11.48
CA ILE B 75 36.59 0.70 -12.61
C ILE B 75 35.46 1.53 -11.99
N LYS B 76 35.68 2.83 -11.83
CA LYS B 76 34.67 3.69 -11.25
C LYS B 76 33.57 4.08 -12.23
N GLY B 78 30.93 6.81 -11.90
CA GLY B 78 30.41 7.93 -11.13
C GLY B 78 31.27 8.04 -9.89
N GLY B 79 30.91 8.93 -8.97
CA GLY B 79 31.68 9.06 -7.73
C GLY B 79 32.94 9.90 -7.82
N THR B 80 33.49 10.27 -6.66
CA THR B 80 34.70 11.09 -6.60
C THR B 80 35.72 10.65 -5.56
N LYS B 81 35.52 9.49 -4.96
CA LYS B 81 36.45 8.99 -3.95
C LYS B 81 37.16 7.75 -4.48
N ASP B 82 38.41 7.93 -4.90
CA ASP B 82 39.20 6.84 -5.46
C ASP B 82 39.84 5.92 -4.43
N ILE B 83 39.48 4.64 -4.49
CA ILE B 83 40.05 3.62 -3.62
C ILE B 83 40.56 2.52 -4.54
N GLY B 84 41.78 2.06 -4.31
CA GLY B 84 42.34 1.02 -5.16
C GLY B 84 43.00 1.61 -6.41
N ARG B 85 43.52 0.74 -7.25
CA ARG B 85 44.18 1.15 -8.49
C ARG B 85 43.13 1.48 -9.54
N VAL B 86 42.68 2.72 -9.57
CA VAL B 86 41.68 3.08 -10.58
C VAL B 86 42.28 2.98 -11.98
N ILE B 87 41.60 2.19 -12.83
CA ILE B 87 42.08 2.05 -14.21
C ILE B 87 41.05 2.59 -15.21
N GLY B 88 39.90 3.04 -14.69
CA GLY B 88 38.88 3.55 -15.58
C GLY B 88 37.84 4.39 -14.83
N ARG B 89 37.23 5.32 -15.54
CA ARG B 89 36.21 6.21 -14.98
C ARG B 89 35.07 6.43 -15.97
N LEU B 90 33.98 5.69 -15.80
CA LEU B 90 32.83 5.81 -16.68
C LEU B 90 31.78 6.74 -16.09
N ASN B 91 31.03 7.40 -16.98
CA ASN B 91 29.98 8.31 -16.56
C ASN B 91 28.66 7.58 -16.53
N ILE B 92 27.71 8.11 -15.76
CA ILE B 92 26.39 7.49 -15.63
C ILE B 92 25.29 8.39 -16.19
N SER B 93 24.84 8.10 -17.40
CA SER B 93 23.76 8.85 -18.01
C SER B 93 22.48 8.02 -18.06
N LYS B 94 21.40 8.58 -17.50
CA LYS B 94 20.17 7.81 -17.37
C LYS B 94 20.38 6.61 -16.45
N TYR B 95 21.31 6.78 -15.48
CA TYR B 95 21.60 5.73 -14.51
C TYR B 95 22.07 4.42 -15.15
N VAL B 96 22.82 4.53 -16.25
CA VAL B 96 23.37 3.38 -16.96
C VAL B 96 24.72 3.77 -17.56
N ILE B 97 25.62 2.80 -17.67
CA ILE B 97 26.95 3.06 -18.22
C ILE B 97 27.00 2.75 -19.71
N SER B 98 28.10 3.12 -20.34
CA SER B 98 28.29 2.88 -21.77
C SER B 98 29.02 1.58 -22.01
N GLU B 99 28.33 0.60 -22.59
CA GLU B 99 28.92 -0.69 -22.89
C GLU B 99 30.14 -0.49 -23.79
N GLN B 100 30.10 0.56 -24.60
CA GLN B 100 31.17 0.89 -25.51
C GLN B 100 32.42 1.28 -24.73
N GLU B 101 32.26 2.22 -23.81
CA GLU B 101 33.38 2.70 -23.00
C GLU B 101 33.90 1.61 -22.07
N TYR B 102 32.97 0.87 -21.45
CA TYR B 102 33.34 -0.20 -20.53
C TYR B 102 34.24 -1.26 -21.17
N GLU B 104 36.09 -0.85 -23.72
CA GLU B 104 37.33 -0.19 -24.13
C GLU B 104 38.30 -0.12 -22.96
N ILE B 105 37.74 -0.20 -21.75
CA ILE B 105 38.55 -0.13 -20.54
C ILE B 105 39.10 -1.50 -20.12
N VAL B 106 38.27 -2.55 -20.21
CA VAL B 106 38.71 -3.88 -19.82
C VAL B 106 39.70 -4.47 -20.82
N SER B 107 39.81 -3.83 -21.99
CA SER B 107 40.74 -4.32 -22.99
C SER B 107 42.18 -4.28 -22.48
N GLN B 108 42.45 -3.31 -21.58
CA GLN B 108 43.79 -3.20 -21.02
C GLN B 108 44.09 -4.34 -20.01
N LEU B 109 43.03 -5.13 -19.73
CA LEU B 109 43.21 -6.33 -18.89
C LEU B 109 43.56 -7.56 -19.75
N LYS B 110 44.48 -8.38 -19.27
CA LYS B 110 44.87 -9.59 -19.99
C LYS B 110 45.24 -10.76 -19.08
N ASP B 111 44.97 -10.61 -17.79
CA ASP B 111 45.29 -11.66 -16.83
C ASP B 111 44.09 -12.57 -16.53
N TYR B 112 43.05 -12.49 -17.35
CA TYR B 112 41.84 -13.30 -17.19
C TYR B 112 42.18 -14.75 -16.84
N PRO B 113 41.28 -15.45 -16.13
CA PRO B 113 39.97 -15.00 -15.62
C PRO B 113 40.11 -14.17 -14.34
N VAL B 114 39.13 -13.30 -14.10
CA VAL B 114 39.16 -12.46 -12.90
C VAL B 114 37.89 -12.58 -12.04
N ILE B 115 38.04 -12.29 -10.76
CA ILE B 115 36.94 -12.29 -9.81
C ILE B 115 36.50 -10.82 -9.83
N ASN B 116 35.27 -10.58 -10.26
CA ASN B 116 34.76 -9.22 -10.42
C ASN B 116 33.62 -8.76 -9.50
N PRO B 117 33.96 -8.17 -8.34
CA PRO B 117 32.92 -7.70 -7.43
C PRO B 117 32.36 -6.37 -7.95
N VAL B 118 31.03 -6.25 -7.94
CA VAL B 118 30.34 -5.03 -8.39
C VAL B 118 29.56 -4.50 -7.18
N LEU B 119 29.91 -3.30 -6.73
CA LEU B 119 29.27 -2.68 -5.57
C LEU B 119 28.44 -1.45 -5.90
N GLY B 120 27.28 -1.34 -5.27
CA GLY B 120 26.42 -0.19 -5.46
C GLY B 120 25.33 -0.23 -6.52
N LEU B 121 25.07 -1.39 -7.12
CA LEU B 121 24.03 -1.45 -8.15
C LEU B 121 22.68 -0.94 -7.63
N HIS B 122 22.36 -1.24 -6.38
CA HIS B 122 21.09 -0.81 -5.79
C HIS B 122 20.95 0.70 -5.76
N LYS B 123 22.07 1.41 -5.73
CA LYS B 123 22.04 2.87 -5.72
C LYS B 123 21.44 3.38 -7.04
N LEU B 124 21.94 2.86 -8.16
CA LEU B 124 21.46 3.24 -9.48
C LEU B 124 19.97 2.97 -9.64
N ILE B 125 19.51 1.86 -9.06
CA ILE B 125 18.11 1.49 -9.15
C ILE B 125 17.20 2.41 -8.33
N LEU B 126 17.67 2.79 -7.14
CA LEU B 126 16.89 3.67 -6.28
C LEU B 126 16.70 5.03 -6.95
N LEU B 127 17.74 5.47 -7.66
CA LEU B 127 17.75 6.76 -8.35
C LEU B 127 16.87 6.85 -9.60
N GLY B 128 16.66 5.74 -10.29
CA GLY B 128 15.87 5.80 -11.51
C GLY B 128 14.44 5.30 -11.48
N ASN B 129 13.73 5.54 -12.59
CA ASN B 129 12.36 5.09 -12.73
C ASN B 129 12.36 3.68 -13.35
N THR B 130 11.19 3.11 -13.56
CA THR B 130 11.07 1.77 -14.13
C THR B 130 11.87 1.60 -15.42
N PHE B 131 11.72 2.54 -16.35
CA PHE B 131 12.42 2.47 -17.63
C PHE B 131 13.94 2.42 -17.42
N GLU B 132 14.46 3.29 -16.57
CA GLU B 132 15.90 3.31 -16.31
C GLU B 132 16.35 2.09 -15.51
N ASN B 133 15.46 1.57 -14.66
CA ASN B 133 15.77 0.39 -13.86
C ASN B 133 15.89 -0.82 -14.80
N ILE B 134 15.02 -0.87 -15.81
CA ILE B 134 15.05 -1.96 -16.76
C ILE B 134 16.37 -1.95 -17.55
N ASN B 135 16.87 -0.76 -17.89
CA ASN B 135 18.12 -0.68 -18.61
C ASN B 135 19.29 -1.09 -17.72
N VAL B 136 19.17 -0.88 -16.42
CA VAL B 136 20.22 -1.28 -15.48
C VAL B 136 20.28 -2.81 -15.44
N VAL B 137 19.13 -3.46 -15.51
CA VAL B 137 19.12 -4.92 -15.49
C VAL B 137 19.68 -5.47 -16.80
N LYS B 138 19.28 -4.82 -17.92
CA LYS B 138 19.85 -5.20 -19.20
C LYS B 138 21.37 -5.10 -19.14
N VAL B 140 23.19 -5.65 -16.63
CA VAL B 140 23.68 -6.85 -15.95
C VAL B 140 23.59 -8.11 -16.82
N SER B 141 22.45 -8.31 -17.48
CA SER B 141 22.27 -9.48 -18.32
C SER B 141 23.16 -9.47 -19.57
N ASN B 142 23.59 -8.28 -19.97
CA ASN B 142 24.47 -8.17 -21.14
C ASN B 142 25.81 -8.85 -20.95
N TYR B 143 26.22 -9.03 -19.68
CA TYR B 143 27.51 -9.64 -19.38
C TYR B 143 27.48 -11.08 -18.87
N VAL B 144 26.30 -11.57 -18.53
CA VAL B 144 26.20 -12.95 -18.05
C VAL B 144 26.81 -13.91 -19.07
N GLY B 145 27.68 -14.80 -18.61
CA GLY B 145 28.29 -15.76 -19.51
C GLY B 145 29.67 -15.44 -20.05
N ARG B 146 30.12 -14.19 -19.97
CA ARG B 146 31.44 -13.86 -20.48
C ARG B 146 32.49 -14.49 -19.57
N GLU B 147 33.08 -15.58 -20.06
CA GLU B 147 34.05 -16.39 -19.30
C GLU B 147 35.31 -15.62 -18.86
N GLU B 148 35.42 -14.33 -19.24
CA GLU B 148 36.57 -13.57 -18.78
C GLU B 148 36.56 -13.41 -17.25
N ARG B 149 35.38 -13.65 -16.62
CA ARG B 149 35.28 -13.44 -15.19
C ARG B 149 34.05 -14.13 -14.52
N ILE B 150 34.04 -13.99 -13.20
CA ILE B 150 32.95 -14.44 -12.36
C ILE B 150 32.58 -13.15 -11.65
N ALA B 151 31.40 -12.61 -11.94
CA ALA B 151 30.98 -11.36 -11.31
C ALA B 151 30.15 -11.58 -10.05
N PHE B 152 30.40 -10.76 -9.05
CA PHE B 152 29.67 -10.83 -7.78
C PHE B 152 29.00 -9.49 -7.56
N TYR B 153 27.68 -9.42 -7.78
CA TYR B 153 26.95 -8.18 -7.58
C TYR B 153 26.39 -8.05 -6.17
N PHE B 154 27.08 -7.27 -5.34
CA PHE B 154 26.63 -7.02 -3.96
C PHE B 154 25.49 -6.00 -4.00
N VAL B 155 24.29 -6.43 -3.66
CA VAL B 155 23.16 -5.51 -3.66
C VAL B 155 22.40 -5.55 -2.35
N ASN B 156 22.01 -4.37 -1.86
CA ASN B 156 21.24 -4.25 -0.64
C ASN B 156 19.83 -4.63 -1.09
N ARG B 157 19.45 -5.86 -0.80
CA ARG B 157 18.16 -6.39 -1.20
C ARG B 157 16.97 -5.46 -0.93
N ASN B 158 16.83 -5.03 0.31
CA ASN B 158 15.72 -4.16 0.72
C ASN B 158 15.60 -2.87 -0.08
N VAL B 159 16.73 -2.25 -0.39
CA VAL B 159 16.68 -1.02 -1.16
C VAL B 159 15.95 -1.25 -2.47
N ILE B 160 16.27 -2.34 -3.16
CA ILE B 160 15.65 -2.65 -4.43
C ILE B 160 14.20 -3.11 -4.28
N GLU B 161 13.98 -4.05 -3.36
CA GLU B 161 12.65 -4.59 -3.11
C GLU B 161 11.62 -3.49 -2.84
N LYS B 162 11.96 -2.60 -1.93
CA LYS B 162 11.08 -1.50 -1.53
C LYS B 162 10.93 -0.40 -2.55
N HIS B 163 11.96 -0.17 -3.36
CA HIS B 163 11.85 0.86 -4.39
C HIS B 163 11.02 0.30 -5.53
N SER B 164 11.40 -0.88 -6.02
CA SER B 164 10.69 -1.52 -7.12
C SER B 164 10.83 -3.04 -7.04
N SER B 165 9.82 -3.68 -6.48
CA SER B 165 9.81 -5.13 -6.32
C SER B 165 9.93 -5.89 -7.65
N PRO B 166 9.31 -5.36 -8.72
CA PRO B 166 9.41 -6.06 -10.01
C PRO B 166 10.85 -6.11 -10.51
N ILE B 167 11.61 -5.07 -10.24
CA ILE B 167 13.00 -5.00 -10.68
C ILE B 167 13.89 -6.01 -9.98
N LEU B 168 13.58 -6.33 -8.73
CA LEU B 168 14.39 -7.30 -7.99
C LEU B 168 14.15 -8.67 -8.61
N ASP B 169 12.90 -8.94 -8.99
CA ASP B 169 12.57 -10.22 -9.60
C ASP B 169 13.26 -10.38 -10.94
N LEU B 170 13.33 -9.31 -11.73
CA LEU B 170 13.99 -9.37 -13.03
C LEU B 170 15.47 -9.65 -12.82
N LEU B 171 16.04 -9.00 -11.79
CA LEU B 171 17.45 -9.14 -11.47
C LEU B 171 17.81 -10.57 -11.05
N GLU B 172 16.98 -11.18 -10.21
CA GLU B 172 17.24 -12.55 -9.77
C GLU B 172 17.07 -13.54 -10.93
N GLU B 173 16.30 -13.13 -11.93
CA GLU B 173 16.06 -13.99 -13.09
C GLU B 173 17.26 -14.05 -14.05
N VAL B 174 17.91 -12.92 -14.30
CA VAL B 174 19.04 -12.88 -15.24
C VAL B 174 20.38 -13.39 -14.72
N VAL B 175 20.56 -13.48 -13.40
CA VAL B 175 21.81 -14.00 -12.87
C VAL B 175 21.75 -15.53 -12.85
N THR B 176 22.92 -16.16 -12.71
CA THR B 176 23.01 -17.62 -12.69
C THR B 176 23.01 -18.20 -11.27
N SER B 177 23.45 -17.41 -10.31
CA SER B 177 23.46 -17.83 -8.92
C SER B 177 23.06 -16.66 -8.02
N ILE B 178 22.45 -16.97 -6.90
CA ILE B 178 22.02 -15.96 -5.93
C ILE B 178 22.37 -16.38 -4.53
N LEU B 179 23.05 -15.50 -3.81
CA LEU B 179 23.43 -15.76 -2.43
C LEU B 179 22.72 -14.74 -1.56
N GLU B 180 22.36 -15.16 -0.35
CA GLU B 180 21.70 -14.24 0.57
C GLU B 180 22.38 -14.35 1.91
N ILE B 181 22.96 -13.23 2.33
CA ILE B 181 23.65 -13.18 3.60
C ILE B 181 22.66 -13.05 4.74
N THR B 182 22.67 -14.03 5.64
CA THR B 182 21.77 -14.02 6.80
C THR B 182 22.59 -14.22 8.06
N ASP B 183 21.95 -14.12 9.21
CA ASP B 183 22.65 -14.27 10.49
C ASP B 183 23.31 -15.64 10.70
N SER B 184 22.66 -16.70 10.22
CA SER B 184 23.20 -18.05 10.40
C SER B 184 24.17 -18.46 9.30
N GLY B 185 24.30 -17.63 8.27
CA GLY B 185 25.20 -17.97 7.18
C GLY B 185 24.67 -17.51 5.82
N ILE B 186 25.34 -17.95 4.76
CA ILE B 186 24.96 -17.58 3.42
C ILE B 186 24.08 -18.63 2.72
N ILE B 187 22.86 -18.22 2.40
CA ILE B 187 21.91 -19.10 1.73
C ILE B 187 22.11 -19.06 0.23
N ILE B 188 22.22 -20.24 -0.38
CA ILE B 188 22.36 -20.33 -1.83
C ILE B 188 20.93 -20.48 -2.35
N LYS B 189 20.32 -19.35 -2.72
CA LYS B 189 18.94 -19.36 -3.20
C LYS B 189 18.81 -19.97 -4.59
N LYS B 190 19.80 -19.72 -5.44
CA LYS B 190 19.78 -20.26 -6.78
C LYS B 190 21.20 -20.60 -7.18
N SER B 191 21.34 -21.65 -7.99
CA SER B 191 22.66 -22.07 -8.42
C SER B 191 22.58 -22.96 -9.65
N ILE B 192 23.69 -23.02 -10.39
CA ILE B 192 23.81 -23.83 -11.59
C ILE B 192 24.00 -25.29 -11.18
N LYS B 193 24.58 -25.50 -10.00
CA LYS B 193 24.80 -26.82 -9.45
C LYS B 193 23.62 -27.11 -8.54
N ASP B 194 22.73 -28.00 -8.96
CA ASP B 194 21.56 -28.35 -8.16
C ASP B 194 21.95 -29.02 -6.85
N GLU B 195 23.22 -29.40 -6.76
CA GLU B 195 23.77 -30.05 -5.57
C GLU B 195 23.90 -29.12 -4.37
N ILE B 196 23.89 -27.81 -4.62
CA ILE B 196 24.04 -26.84 -3.55
C ILE B 196 22.84 -25.90 -3.38
N ALA B 197 21.87 -25.99 -4.27
CA ALA B 197 20.71 -25.12 -4.20
C ALA B 197 19.93 -25.35 -2.91
N GLY B 198 19.65 -24.26 -2.18
CA GLY B 198 18.92 -24.37 -0.93
C GLY B 198 19.80 -24.63 0.29
N LYS B 199 21.09 -24.83 0.06
CA LYS B 199 22.00 -25.10 1.17
C LYS B 199 22.59 -23.80 1.73
N ILE B 200 23.01 -23.87 2.98
CA ILE B 200 23.59 -22.74 3.67
C ILE B 200 25.05 -23.02 4.00
N VAL B 201 25.92 -22.08 3.64
CA VAL B 201 27.35 -22.23 3.91
C VAL B 201 27.86 -21.09 4.78
N SER B 202 28.94 -21.33 5.50
CA SER B 202 29.53 -20.31 6.36
C SER B 202 31.02 -20.23 6.05
N PRO B 203 31.37 -19.71 4.87
CA PRO B 203 32.76 -19.57 4.42
C PRO B 203 33.71 -18.74 5.29
N LEU B 204 33.19 -17.81 6.08
CA LEU B 204 34.07 -16.99 6.91
C LEU B 204 34.57 -17.68 8.19
N LEU B 205 33.93 -18.77 8.59
CA LEU B 205 34.34 -19.49 9.79
C LEU B 205 35.81 -19.92 9.72
N ASN C 4 7.65 -38.76 -19.38
CA ASN C 4 8.17 -38.73 -20.74
C ASN C 4 7.86 -37.39 -21.37
N SER C 5 8.74 -36.94 -22.25
CA SER C 5 8.52 -35.66 -22.94
C SER C 5 7.27 -35.80 -23.79
N GLU C 6 7.04 -37.01 -24.31
CA GLU C 6 5.88 -37.28 -25.14
C GLU C 6 4.62 -37.24 -24.30
N LYS C 7 4.79 -37.48 -23.00
CA LYS C 7 3.67 -37.46 -22.08
C LYS C 7 3.36 -36.02 -21.65
N PHE C 8 4.41 -35.25 -21.38
CA PHE C 8 4.24 -33.86 -20.97
C PHE C 8 3.45 -33.07 -22.02
N PHE C 9 3.78 -33.29 -23.29
CA PHE C 9 3.10 -32.60 -24.37
C PHE C 9 1.66 -33.06 -24.54
N LYS C 10 1.35 -34.26 -24.06
CA LYS C 10 -0.01 -34.80 -24.16
C LYS C 10 -0.97 -34.03 -23.25
N LEU C 11 -0.39 -33.32 -22.25
CA LEU C 11 -1.24 -32.54 -21.35
C LEU C 11 -1.96 -31.43 -22.11
N PHE C 12 -1.41 -31.09 -23.31
CA PHE C 12 -1.97 -29.99 -24.10
C PHE C 12 -2.42 -30.44 -25.50
N ARG C 13 -3.34 -29.67 -26.07
CA ARG C 13 -3.84 -29.95 -27.40
C ARG C 13 -3.57 -28.76 -28.30
N VAL C 14 -3.43 -29.04 -29.60
CA VAL C 14 -3.17 -28.02 -30.60
C VAL C 14 -4.17 -26.88 -30.47
N GLY C 15 -3.68 -25.64 -30.58
CA GLY C 15 -4.55 -24.48 -30.46
C GLY C 15 -4.51 -23.87 -29.09
N GLU C 16 -4.00 -24.60 -28.11
CA GLU C 16 -3.91 -24.08 -26.76
C GLU C 16 -2.88 -22.99 -26.59
N THR C 17 -3.09 -22.17 -25.58
CA THR C 17 -2.17 -21.10 -25.21
C THR C 17 -1.90 -21.39 -23.74
N VAL C 18 -0.66 -21.77 -23.45
CA VAL C 18 -0.27 -22.12 -22.09
C VAL C 18 0.56 -21.03 -21.44
N LEU C 19 0.11 -20.58 -20.26
CA LEU C 19 0.84 -19.57 -19.53
C LEU C 19 1.79 -20.30 -18.56
N VAL C 20 3.09 -20.08 -18.72
CA VAL C 20 4.07 -20.70 -17.85
C VAL C 20 4.59 -19.63 -16.91
N GLU C 21 4.10 -19.64 -15.68
CA GLU C 21 4.50 -18.65 -14.68
C GLU C 21 5.70 -19.12 -13.89
N TYR C 22 6.69 -18.24 -13.75
CA TYR C 22 7.88 -18.58 -13.01
C TYR C 22 8.40 -17.36 -12.25
N SER C 23 9.47 -17.56 -11.49
CA SER C 23 10.07 -16.48 -10.73
C SER C 23 11.57 -16.49 -10.99
N GLY C 24 12.28 -15.49 -10.46
CA GLY C 24 13.71 -15.42 -10.65
C GLY C 24 14.48 -16.61 -10.11
N THR C 25 13.95 -17.29 -9.11
CA THR C 25 14.64 -18.45 -8.54
C THR C 25 14.24 -19.79 -9.17
N SER C 26 13.34 -19.73 -10.16
CA SER C 26 12.85 -20.94 -10.83
C SER C 26 13.80 -21.59 -11.84
N ARG C 27 14.70 -20.78 -12.41
CA ARG C 27 15.60 -21.27 -13.45
C ARG C 27 14.66 -21.80 -14.53
N ALA C 28 13.72 -20.96 -14.94
CA ALA C 28 12.73 -21.33 -15.97
C ALA C 28 13.37 -21.78 -17.27
N GLU C 29 14.63 -21.42 -17.49
CA GLU C 29 15.32 -21.81 -18.72
C GLU C 29 15.42 -23.33 -18.85
N LEU C 30 15.42 -24.04 -17.74
CA LEU C 30 15.52 -25.51 -17.77
C LEU C 30 14.29 -26.10 -18.45
N LEU C 31 13.12 -25.54 -18.16
CA LEU C 31 11.89 -26.04 -18.79
C LEU C 31 11.89 -25.66 -20.27
N LEU C 32 12.35 -24.46 -20.60
CA LEU C 32 12.40 -24.06 -22.00
C LEU C 32 13.28 -25.03 -22.78
N TYR C 33 14.45 -25.36 -22.21
CA TYR C 33 15.38 -26.27 -22.86
C TYR C 33 14.72 -27.62 -23.06
N TYR C 34 14.00 -28.07 -22.04
CA TYR C 34 13.30 -29.34 -22.08
C TYR C 34 12.31 -29.40 -23.23
N ILE C 35 11.51 -28.34 -23.37
CA ILE C 35 10.51 -28.26 -24.42
C ILE C 35 11.16 -28.21 -25.80
N VAL C 36 12.23 -27.43 -25.91
CA VAL C 36 12.94 -27.29 -27.18
C VAL C 36 13.66 -28.58 -27.61
N ASN C 37 14.32 -29.22 -26.65
CA ASN C 37 15.09 -30.43 -26.91
C ASN C 37 14.31 -31.73 -27.04
N ASN C 38 13.09 -31.77 -26.53
CA ASN C 38 12.28 -32.98 -26.58
C ASN C 38 11.10 -32.90 -27.52
N SER C 39 10.84 -31.70 -28.03
CA SER C 39 9.82 -31.52 -29.02
C SER C 39 10.19 -32.25 -30.32
N LYS C 40 9.17 -32.96 -30.82
CA LYS C 40 9.29 -33.65 -32.11
C LYS C 40 8.68 -32.80 -33.23
N LEU C 41 8.07 -31.65 -32.86
CA LEU C 41 7.60 -30.71 -33.86
C LEU C 41 8.59 -29.55 -34.05
N PRO C 42 8.44 -28.75 -35.12
CA PRO C 42 9.36 -27.63 -35.29
C PRO C 42 9.16 -26.64 -34.14
N ILE C 43 10.21 -25.88 -33.82
CA ILE C 43 10.15 -24.90 -32.75
C ILE C 43 10.19 -23.50 -33.32
N VAL C 44 9.23 -22.67 -32.93
CA VAL C 44 9.19 -21.28 -33.39
C VAL C 44 9.09 -20.38 -32.16
N VAL C 45 10.17 -19.69 -31.86
CA VAL C 45 10.22 -18.83 -30.70
C VAL C 45 9.91 -17.35 -30.96
N ASP C 46 9.04 -16.77 -30.14
CA ASP C 46 8.76 -15.35 -30.25
C ASP C 46 9.67 -14.75 -29.18
N ASP C 47 10.72 -14.08 -29.62
CA ASP C 47 11.72 -13.49 -28.72
C ASP C 47 11.49 -12.00 -28.48
N ILE C 48 10.92 -11.69 -27.32
CA ILE C 48 10.63 -10.32 -26.95
C ILE C 48 11.75 -9.68 -26.14
N LEU C 49 12.31 -8.60 -26.68
CA LEU C 49 13.38 -7.85 -26.03
C LEU C 49 14.57 -8.70 -25.54
N ASP C 50 15.14 -9.45 -26.47
CA ASP C 50 16.30 -10.32 -26.19
C ASP C 50 16.17 -11.23 -24.98
N THR C 51 14.96 -11.72 -24.72
CA THR C 51 14.75 -12.60 -23.58
C THR C 51 15.29 -14.00 -23.89
N TYR C 52 15.26 -14.38 -25.17
CA TYR C 52 15.76 -15.70 -25.58
C TYR C 52 17.28 -15.75 -25.35
N TYR C 53 17.97 -14.69 -25.74
CA TYR C 53 19.41 -14.59 -25.55
C TYR C 53 19.80 -14.79 -24.08
N GLU C 54 18.99 -14.26 -23.17
CA GLU C 54 19.26 -14.42 -21.74
C GLU C 54 19.10 -15.87 -21.30
N PHE C 55 18.03 -16.54 -21.76
CA PHE C 55 17.79 -17.94 -21.42
C PHE C 55 18.95 -18.79 -21.97
N TYR C 56 19.28 -18.53 -23.23
CA TYR C 56 20.36 -19.23 -23.93
C TYR C 56 21.70 -19.08 -23.20
N THR C 57 21.99 -17.85 -22.78
CA THR C 57 23.22 -17.55 -22.07
C THR C 57 23.30 -18.26 -20.72
N ARG C 58 22.18 -18.34 -20.01
CA ARG C 58 22.15 -19.02 -18.71
C ARG C 58 22.37 -20.52 -18.88
N LEU C 59 21.74 -21.10 -19.91
CA LEU C 59 21.90 -22.53 -20.16
C LEU C 59 23.33 -22.81 -20.61
N LYS C 60 23.87 -21.96 -21.48
CA LYS C 60 25.23 -22.14 -21.97
C LYS C 60 26.23 -22.15 -20.82
N VAL C 61 26.12 -21.15 -19.94
CA VAL C 61 27.00 -21.06 -18.79
C VAL C 61 26.82 -22.30 -17.92
N ALA C 62 25.58 -22.81 -17.86
CA ALA C 62 25.26 -23.97 -17.06
C ALA C 62 25.85 -25.27 -17.64
N GLY C 63 26.45 -25.17 -18.82
CA GLY C 63 27.07 -26.34 -19.44
C GLY C 63 26.19 -27.16 -20.36
N PHE C 64 25.02 -26.64 -20.72
CA PHE C 64 24.12 -27.35 -21.62
C PHE C 64 24.62 -27.27 -23.04
N ASP C 65 24.33 -28.29 -23.83
CA ASP C 65 24.70 -28.24 -25.22
C ASP C 65 23.56 -27.38 -25.77
N VAL C 66 23.89 -26.20 -26.28
CA VAL C 66 22.86 -25.29 -26.78
C VAL C 66 22.66 -25.24 -28.29
N ALA C 67 23.12 -26.27 -28.99
CA ALA C 67 22.95 -26.34 -30.44
C ALA C 67 21.46 -26.36 -30.80
N PRO C 68 20.64 -27.11 -30.04
CA PRO C 68 19.20 -27.18 -30.34
C PRO C 68 18.55 -25.79 -30.27
N LEU C 69 19.09 -24.92 -29.42
CA LEU C 69 18.54 -23.57 -29.28
C LEU C 69 18.88 -22.69 -30.47
N GLU C 70 20.07 -22.86 -31.03
CA GLU C 70 20.50 -22.07 -32.17
C GLU C 70 19.83 -22.52 -33.46
N ASN C 71 19.25 -23.73 -33.43
CA ASN C 71 18.61 -24.29 -34.61
C ASN C 71 17.13 -23.95 -34.81
N VAL C 72 16.47 -23.44 -33.78
CA VAL C 72 15.05 -23.09 -33.90
C VAL C 72 14.83 -21.79 -34.68
N GLN C 73 13.60 -21.59 -35.15
CA GLN C 73 13.26 -20.37 -35.88
C GLN C 73 12.77 -19.31 -34.90
N VAL C 74 13.25 -18.08 -35.06
CA VAL C 74 12.89 -17.01 -34.15
C VAL C 74 12.31 -15.76 -34.79
N ILE C 75 11.28 -15.22 -34.15
CA ILE C 75 10.66 -13.99 -34.58
C ILE C 75 10.98 -12.99 -33.48
N LYS C 76 11.81 -12.00 -33.78
CA LYS C 76 12.20 -11.01 -32.80
C LYS C 76 11.29 -9.80 -32.71
N GLY C 78 11.70 -6.34 -31.03
CA GLY C 78 12.63 -5.46 -30.35
C GLY C 78 13.92 -6.22 -30.09
N GLY C 79 14.79 -5.66 -29.25
CA GLY C 79 16.04 -6.33 -28.93
C GLY C 79 17.10 -6.19 -30.01
N THR C 80 18.32 -6.59 -29.69
CA THR C 80 19.42 -6.48 -30.65
C THR C 80 20.36 -7.69 -30.65
N LYS C 81 20.03 -8.71 -29.87
CA LYS C 81 20.88 -9.90 -29.80
C LYS C 81 20.24 -11.10 -30.47
N ASP C 82 20.82 -11.48 -31.61
CA ASP C 82 20.32 -12.59 -32.39
C ASP C 82 20.79 -13.96 -31.97
N ILE C 83 19.84 -14.82 -31.64
CA ILE C 83 20.10 -16.19 -31.25
C ILE C 83 19.09 -17.00 -32.05
N GLY C 84 19.58 -18.07 -32.68
CA GLY C 84 18.71 -18.91 -33.49
C GLY C 84 18.59 -18.39 -34.90
N ARG C 85 17.68 -18.96 -35.67
CA ARG C 85 17.46 -18.54 -37.05
C ARG C 85 16.33 -17.52 -37.09
N VAL C 86 16.70 -16.24 -37.10
CA VAL C 86 15.72 -15.16 -37.11
C VAL C 86 15.01 -15.05 -38.46
N ILE C 87 13.69 -15.24 -38.44
CA ILE C 87 12.91 -15.17 -39.67
C ILE C 87 12.07 -13.90 -39.75
N GLY C 88 12.09 -13.11 -38.68
CA GLY C 88 11.32 -11.86 -38.67
C GLY C 88 11.73 -10.94 -37.53
N ARG C 89 11.58 -9.64 -37.76
CA ARG C 89 11.91 -8.65 -36.75
C ARG C 89 10.79 -7.63 -36.70
N LEU C 90 10.10 -7.54 -35.57
CA LEU C 90 9.00 -6.61 -35.40
C LEU C 90 9.44 -5.49 -34.49
N ASN C 91 8.73 -4.37 -34.55
CA ASN C 91 9.02 -3.21 -33.74
C ASN C 91 8.03 -3.13 -32.59
N ILE C 92 8.48 -2.65 -31.45
CA ILE C 92 7.61 -2.52 -30.29
C ILE C 92 7.11 -1.09 -30.18
N SER C 93 6.06 -0.80 -30.96
CA SER C 93 5.46 0.54 -30.95
C SER C 93 4.31 0.55 -29.95
N LYS C 94 4.40 1.48 -28.99
CA LYS C 94 3.38 1.59 -27.95
C LYS C 94 3.30 0.31 -27.14
N TYR C 95 4.47 -0.27 -26.87
CA TYR C 95 4.60 -1.49 -26.08
C TYR C 95 3.60 -2.57 -26.51
N VAL C 96 3.57 -2.82 -27.81
CA VAL C 96 2.69 -3.82 -28.40
C VAL C 96 3.22 -4.11 -29.80
N ILE C 97 2.67 -5.11 -30.48
CA ILE C 97 3.11 -5.44 -31.82
C ILE C 97 1.97 -5.46 -32.82
N SER C 98 2.29 -5.26 -34.09
CA SER C 98 1.28 -5.27 -35.15
C SER C 98 0.88 -6.70 -35.49
N GLU C 99 -0.45 -6.96 -35.42
CA GLU C 99 -0.95 -8.29 -35.74
C GLU C 99 -0.83 -8.55 -37.25
N GLN C 100 -0.79 -7.44 -38.01
CA GLN C 100 -0.70 -7.56 -39.46
C GLN C 100 0.72 -7.95 -39.90
N GLU C 101 1.72 -7.28 -39.34
CA GLU C 101 3.11 -7.55 -39.68
C GLU C 101 3.54 -8.92 -39.16
N TYR C 102 2.97 -9.35 -38.04
CA TYR C 102 3.32 -10.64 -37.46
C TYR C 102 2.85 -11.77 -38.37
N GLU C 104 2.28 -11.64 -41.40
CA GLU C 104 3.03 -11.55 -42.65
C GLU C 104 4.33 -12.35 -42.53
N ILE C 105 4.89 -12.41 -41.33
CA ILE C 105 6.12 -13.16 -41.10
C ILE C 105 5.87 -14.66 -40.92
N VAL C 106 4.86 -15.00 -40.13
CA VAL C 106 4.54 -16.41 -39.89
C VAL C 106 3.92 -17.09 -41.11
N SER C 107 3.71 -16.34 -42.19
CA SER C 107 3.13 -16.92 -43.39
C SER C 107 4.19 -17.66 -44.20
N GLN C 108 5.45 -17.49 -43.83
CA GLN C 108 6.55 -18.15 -44.54
C GLN C 108 6.85 -19.54 -43.96
N LEU C 109 6.00 -19.99 -43.03
CA LEU C 109 6.17 -21.29 -42.40
C LEU C 109 5.18 -22.30 -43.00
N LYS C 110 5.64 -23.53 -43.23
CA LYS C 110 4.77 -24.55 -43.81
C LYS C 110 4.60 -25.77 -42.90
N ASP C 111 5.67 -26.14 -42.22
CA ASP C 111 5.66 -27.30 -41.33
C ASP C 111 4.83 -27.09 -40.06
N TYR C 112 3.53 -27.35 -40.15
CA TYR C 112 2.62 -27.21 -39.01
C TYR C 112 2.10 -28.57 -38.54
N PRO C 113 1.75 -28.68 -37.24
CA PRO C 113 1.82 -27.63 -36.22
C PRO C 113 3.22 -27.43 -35.66
N VAL C 114 3.36 -26.45 -34.78
CA VAL C 114 4.65 -26.16 -34.16
C VAL C 114 4.50 -25.81 -32.68
N ILE C 115 5.60 -25.95 -31.93
CA ILE C 115 5.60 -25.59 -30.52
C ILE C 115 6.14 -24.16 -30.56
N ASN C 116 5.39 -23.23 -29.98
CA ASN C 116 5.73 -21.82 -30.03
C ASN C 116 5.98 -21.13 -28.68
N PRO C 117 7.24 -21.17 -28.19
CA PRO C 117 7.56 -20.52 -26.90
C PRO C 117 7.61 -19.00 -27.07
N VAL C 118 6.93 -18.27 -26.18
CA VAL C 118 6.95 -16.81 -26.23
C VAL C 118 7.67 -16.34 -24.97
N LEU C 119 8.81 -15.68 -25.14
CA LEU C 119 9.58 -15.22 -23.99
C LEU C 119 9.61 -13.71 -23.85
N GLY C 120 9.54 -13.24 -22.60
CA GLY C 120 9.60 -11.82 -22.33
C GLY C 120 8.34 -10.98 -22.26
N LEU C 121 7.17 -11.62 -22.28
CA LEU C 121 5.92 -10.85 -22.25
C LEU C 121 5.85 -9.92 -21.04
N HIS C 122 6.30 -10.39 -19.87
CA HIS C 122 6.27 -9.57 -18.67
C HIS C 122 7.02 -8.26 -18.86
N LYS C 123 8.07 -8.29 -19.67
CA LYS C 123 8.86 -7.08 -19.95
C LYS C 123 8.01 -6.04 -20.65
N LEU C 124 7.19 -6.48 -21.60
CA LEU C 124 6.30 -5.59 -22.34
C LEU C 124 5.30 -4.95 -21.42
N ILE C 125 4.71 -5.77 -20.56
CA ILE C 125 3.73 -5.33 -19.59
C ILE C 125 4.33 -4.33 -18.61
N LEU C 126 5.51 -4.67 -18.09
CA LEU C 126 6.18 -3.80 -17.13
C LEU C 126 6.42 -2.40 -17.69
N LEU C 127 6.68 -2.34 -18.99
CA LEU C 127 6.95 -1.06 -19.67
C LEU C 127 5.72 -0.23 -20.02
N GLY C 128 4.56 -0.86 -20.12
CA GLY C 128 3.37 -0.12 -20.50
C GLY C 128 2.42 0.27 -19.39
N ASN C 129 1.41 1.04 -19.75
CA ASN C 129 0.39 1.46 -18.79
C ASN C 129 -0.78 0.50 -18.94
N THR C 130 -1.87 0.76 -18.22
CA THR C 130 -3.04 -0.11 -18.28
C THR C 130 -3.63 -0.27 -19.68
N PHE C 131 -3.72 0.83 -20.43
CA PHE C 131 -4.28 0.77 -21.78
C PHE C 131 -3.42 -0.10 -22.68
N GLU C 132 -2.10 0.05 -22.57
CA GLU C 132 -1.16 -0.71 -23.37
C GLU C 132 -1.14 -2.17 -22.93
N ASN C 133 -1.21 -2.39 -21.61
CA ASN C 133 -1.22 -3.74 -21.07
C ASN C 133 -2.43 -4.49 -21.60
N ILE C 134 -3.58 -3.81 -21.65
CA ILE C 134 -4.80 -4.44 -22.15
C ILE C 134 -4.63 -4.88 -23.60
N ASN C 135 -3.93 -4.07 -24.39
CA ASN C 135 -3.72 -4.43 -25.79
C ASN C 135 -2.80 -5.65 -25.87
N VAL C 136 -1.87 -5.75 -24.94
CA VAL C 136 -0.96 -6.89 -24.88
C VAL C 136 -1.79 -8.14 -24.59
N VAL C 137 -2.69 -8.05 -23.61
CA VAL C 137 -3.54 -9.19 -23.28
C VAL C 137 -4.44 -9.53 -24.46
N LYS C 138 -4.95 -8.51 -25.15
CA LYS C 138 -5.81 -8.74 -26.31
C LYS C 138 -5.01 -9.47 -27.37
N VAL C 140 -2.65 -11.64 -26.92
CA VAL C 140 -2.62 -13.04 -26.50
C VAL C 140 -3.94 -13.75 -26.75
N SER C 141 -5.06 -13.09 -26.43
CA SER C 141 -6.35 -13.73 -26.65
C SER C 141 -6.72 -13.87 -28.12
N ASN C 142 -6.16 -13.03 -28.98
CA ASN C 142 -6.46 -13.11 -30.41
C ASN C 142 -5.93 -14.36 -31.08
N TYR C 143 -4.95 -15.02 -30.46
CA TYR C 143 -4.35 -16.21 -31.05
C TYR C 143 -4.77 -17.51 -30.38
N VAL C 144 -5.48 -17.40 -29.27
CA VAL C 144 -5.96 -18.59 -28.56
C VAL C 144 -6.80 -19.41 -29.52
N GLY C 145 -6.47 -20.70 -29.64
CA GLY C 145 -7.23 -21.57 -30.52
C GLY C 145 -6.67 -21.83 -31.91
N ARG C 146 -5.73 -21.01 -32.39
CA ARG C 146 -5.19 -21.25 -33.72
C ARG C 146 -4.41 -22.56 -33.71
N GLU C 147 -4.91 -23.52 -34.48
CA GLU C 147 -4.34 -24.85 -34.55
C GLU C 147 -2.96 -25.03 -35.15
N GLU C 148 -2.36 -23.98 -35.70
CA GLU C 148 -1.02 -24.16 -36.25
C GLU C 148 0.03 -24.32 -35.15
N ARG C 149 -0.38 -24.17 -33.89
CA ARG C 149 0.58 -24.29 -32.80
C ARG C 149 0.01 -24.44 -31.40
N ILE C 150 0.91 -24.74 -30.48
CA ILE C 150 0.59 -24.82 -29.06
C ILE C 150 1.57 -23.77 -28.56
N ALA C 151 1.05 -22.72 -27.92
CA ALA C 151 1.93 -21.65 -27.45
C ALA C 151 2.23 -21.73 -25.95
N PHE C 152 3.49 -21.48 -25.61
CA PHE C 152 3.93 -21.47 -24.22
C PHE C 152 4.46 -20.09 -23.89
N TYR C 153 3.68 -19.32 -23.14
CA TYR C 153 4.09 -17.98 -22.74
C TYR C 153 4.78 -18.07 -21.40
N PHE C 154 6.10 -17.91 -21.40
CA PHE C 154 6.89 -17.93 -20.17
C PHE C 154 6.86 -16.50 -19.62
N VAL C 155 6.29 -16.31 -18.44
CA VAL C 155 6.22 -14.98 -17.85
C VAL C 155 6.68 -15.00 -16.40
N ASN C 156 7.43 -13.98 -16.03
CA ASN C 156 7.91 -13.88 -14.67
C ASN C 156 6.69 -13.32 -13.90
N ARG C 157 5.96 -14.24 -13.28
CA ARG C 157 4.74 -13.90 -12.54
C ARG C 157 4.84 -12.68 -11.62
N ASN C 158 5.87 -12.64 -10.77
CA ASN C 158 6.03 -11.51 -9.85
C ASN C 158 6.14 -10.17 -10.56
N VAL C 159 6.87 -10.13 -11.66
CA VAL C 159 7.03 -8.88 -12.39
C VAL C 159 5.67 -8.32 -12.78
N ILE C 160 4.82 -9.15 -13.37
CA ILE C 160 3.50 -8.70 -13.77
C ILE C 160 2.58 -8.41 -12.59
N GLU C 161 2.55 -9.31 -11.60
CA GLU C 161 1.66 -9.10 -10.47
C GLU C 161 1.92 -7.83 -9.66
N LYS C 162 3.19 -7.47 -9.52
CA LYS C 162 3.57 -6.27 -8.78
C LYS C 162 3.36 -5.01 -9.62
N HIS C 163 3.43 -5.14 -10.94
CA HIS C 163 3.22 -4.00 -11.82
C HIS C 163 1.72 -3.71 -11.96
N SER C 164 0.97 -4.73 -12.37
CA SER C 164 -0.47 -4.62 -12.52
C SER C 164 -1.12 -5.96 -12.22
N SER C 165 -1.58 -6.12 -10.98
CA SER C 165 -2.22 -7.36 -10.56
C SER C 165 -3.46 -7.67 -11.42
N PRO C 166 -4.21 -6.64 -11.82
CA PRO C 166 -5.40 -6.90 -12.66
C PRO C 166 -5.01 -7.56 -13.97
N ILE C 167 -3.90 -7.09 -14.55
CA ILE C 167 -3.41 -7.60 -15.82
C ILE C 167 -3.00 -9.08 -15.73
N LEU C 168 -2.41 -9.48 -14.62
CA LEU C 168 -2.03 -10.88 -14.48
C LEU C 168 -3.30 -11.73 -14.46
N ASP C 169 -4.33 -11.25 -13.79
CA ASP C 169 -5.57 -12.03 -13.72
C ASP C 169 -6.29 -12.08 -15.06
N LEU C 170 -6.13 -11.05 -15.90
CA LEU C 170 -6.75 -11.05 -17.22
C LEU C 170 -6.04 -12.11 -18.07
N LEU C 171 -4.71 -12.08 -18.01
CA LEU C 171 -3.88 -13.04 -18.75
C LEU C 171 -4.27 -14.48 -18.40
N GLU C 172 -4.41 -14.75 -17.11
CA GLU C 172 -4.77 -16.10 -16.66
C GLU C 172 -6.15 -16.48 -17.17
N GLU C 173 -7.03 -15.49 -17.32
CA GLU C 173 -8.38 -15.74 -17.80
C GLU C 173 -8.44 -16.14 -19.28
N VAL C 174 -7.67 -15.43 -20.11
CA VAL C 174 -7.69 -15.70 -21.55
C VAL C 174 -6.94 -16.93 -22.05
N VAL C 175 -5.99 -17.46 -21.28
CA VAL C 175 -5.27 -18.65 -21.73
C VAL C 175 -6.07 -19.90 -21.38
N THR C 176 -5.74 -21.03 -21.99
CA THR C 176 -6.48 -22.28 -21.74
C THR C 176 -5.84 -23.14 -20.66
N SER C 177 -4.54 -23.01 -20.49
CA SER C 177 -3.83 -23.77 -19.48
C SER C 177 -2.86 -22.87 -18.75
N ILE C 178 -2.58 -23.21 -17.50
CA ILE C 178 -1.65 -22.43 -16.70
C ILE C 178 -0.76 -23.35 -15.89
N LEU C 179 0.54 -23.17 -16.05
CA LEU C 179 1.51 -23.97 -15.31
C LEU C 179 2.30 -23.00 -14.44
N GLU C 180 2.63 -23.41 -13.23
CA GLU C 180 3.44 -22.56 -12.36
C GLU C 180 4.62 -23.37 -11.83
N ILE C 181 5.82 -22.90 -12.11
CA ILE C 181 7.02 -23.59 -11.66
C ILE C 181 7.32 -23.27 -10.19
N THR C 182 7.46 -24.31 -9.38
CA THR C 182 7.77 -24.17 -7.96
C THR C 182 8.92 -25.13 -7.67
N ASP C 183 9.46 -25.05 -6.46
CA ASP C 183 10.57 -25.91 -6.05
C ASP C 183 10.23 -27.40 -6.09
N SER C 184 9.02 -27.75 -5.63
CA SER C 184 8.56 -29.14 -5.61
C SER C 184 8.25 -29.67 -7.01
N GLY C 185 7.92 -28.77 -7.94
CA GLY C 185 7.62 -29.19 -9.29
C GLY C 185 6.76 -28.18 -10.05
N ILE C 186 6.09 -28.65 -11.10
CA ILE C 186 5.21 -27.73 -11.81
C ILE C 186 3.72 -27.96 -11.50
N ILE C 187 3.07 -26.91 -10.96
CA ILE C 187 1.62 -27.01 -10.72
C ILE C 187 0.81 -26.69 -11.98
N ILE C 188 -0.14 -27.59 -12.25
CA ILE C 188 -1.13 -27.26 -13.24
C ILE C 188 -2.29 -26.51 -12.57
N LYS C 189 -2.20 -25.18 -12.59
CA LYS C 189 -3.23 -24.32 -12.00
C LYS C 189 -4.53 -24.30 -12.79
N LYS C 190 -4.44 -24.46 -14.10
CA LYS C 190 -5.62 -24.48 -14.94
C LYS C 190 -5.40 -25.40 -16.13
N SER C 191 -6.45 -26.07 -16.58
CA SER C 191 -6.32 -26.99 -17.70
C SER C 191 -7.68 -27.27 -18.36
N ILE C 192 -7.62 -27.62 -19.66
CA ILE C 192 -8.85 -28.02 -20.34
C ILE C 192 -9.39 -29.31 -19.75
N LYS C 193 -8.44 -30.16 -19.31
CA LYS C 193 -8.82 -31.38 -18.63
C LYS C 193 -9.17 -31.10 -17.18
N ASP C 194 -10.47 -31.04 -16.93
CA ASP C 194 -11.05 -30.72 -15.63
C ASP C 194 -10.55 -31.55 -14.44
N GLU C 195 -9.83 -32.62 -14.74
CA GLU C 195 -9.33 -33.54 -13.73
C GLU C 195 -7.96 -33.21 -13.14
N ILE C 196 -7.04 -32.77 -14.00
CA ILE C 196 -5.66 -32.47 -13.60
C ILE C 196 -5.41 -31.19 -12.78
N ALA C 197 -6.36 -30.28 -12.75
CA ALA C 197 -6.20 -29.03 -12.02
C ALA C 197 -5.68 -29.26 -10.60
N GLY C 198 -4.69 -28.48 -10.20
CA GLY C 198 -4.13 -28.60 -8.86
C GLY C 198 -3.03 -29.64 -8.72
N LYS C 199 -2.92 -30.53 -9.70
CA LYS C 199 -1.89 -31.57 -9.68
C LYS C 199 -0.51 -31.02 -10.02
N ILE C 200 0.51 -31.67 -9.46
CA ILE C 200 1.88 -31.26 -9.69
C ILE C 200 2.66 -32.35 -10.43
N VAL C 201 3.44 -31.94 -11.43
CA VAL C 201 4.23 -32.87 -12.21
C VAL C 201 5.70 -32.44 -12.23
N SER C 202 6.59 -33.42 -12.39
CA SER C 202 8.02 -33.14 -12.43
C SER C 202 8.58 -33.79 -13.69
N PRO C 203 8.30 -33.21 -14.86
CA PRO C 203 8.80 -33.78 -16.11
C PRO C 203 10.32 -33.75 -16.26
N LEU C 204 10.98 -32.84 -15.53
CA LEU C 204 12.43 -32.71 -15.61
C LEU C 204 13.25 -33.57 -14.64
N LEU C 205 12.61 -34.30 -13.73
CA LEU C 205 13.37 -35.10 -12.79
C LEU C 205 14.05 -36.30 -13.47
N ASN D 4 -30.22 -29.77 -13.85
CA ASN D 4 -30.50 -29.28 -15.18
C ASN D 4 -30.84 -27.79 -15.15
N SER D 5 -30.02 -27.01 -15.85
CA SER D 5 -30.13 -25.56 -15.94
C SER D 5 -31.42 -24.90 -15.47
N GLU D 6 -32.56 -25.39 -15.94
CA GLU D 6 -33.82 -24.75 -15.57
C GLU D 6 -34.11 -24.78 -14.06
N LYS D 7 -33.45 -25.72 -13.34
CA LYS D 7 -33.62 -25.73 -11.89
C LYS D 7 -32.67 -24.73 -11.23
N PHE D 8 -31.53 -24.52 -11.94
CA PHE D 8 -30.56 -23.52 -11.48
C PHE D 8 -31.18 -22.12 -11.54
N PHE D 9 -31.87 -21.85 -12.64
CA PHE D 9 -32.52 -20.56 -12.85
C PHE D 9 -33.60 -20.27 -11.81
N LYS D 10 -34.10 -21.32 -11.16
CA LYS D 10 -35.15 -21.13 -10.15
C LYS D 10 -34.63 -20.47 -8.87
N LEU D 11 -33.28 -20.40 -8.77
CA LEU D 11 -32.70 -19.71 -7.61
C LEU D 11 -32.98 -18.20 -7.67
N PHE D 12 -33.34 -17.74 -8.90
CA PHE D 12 -33.53 -16.29 -9.12
C PHE D 12 -34.97 -15.93 -9.52
N ARG D 13 -35.27 -14.64 -9.39
CA ARG D 13 -36.57 -14.08 -9.75
C ARG D 13 -36.39 -13.16 -10.95
N VAL D 14 -37.41 -13.08 -11.80
CA VAL D 14 -37.34 -12.20 -12.97
C VAL D 14 -37.09 -10.80 -12.44
N GLY D 15 -36.28 -10.03 -13.16
CA GLY D 15 -35.98 -8.67 -12.71
C GLY D 15 -34.69 -8.60 -11.92
N GLU D 16 -34.18 -9.75 -11.52
CA GLU D 16 -32.93 -9.78 -10.76
C GLU D 16 -31.70 -9.49 -11.58
N THR D 17 -30.69 -8.94 -10.91
CA THR D 17 -29.41 -8.67 -11.52
C THR D 17 -28.48 -9.51 -10.68
N VAL D 18 -27.85 -10.49 -11.32
CA VAL D 18 -26.96 -11.41 -10.66
C VAL D 18 -25.49 -11.13 -10.99
N LEU D 19 -24.67 -10.95 -9.95
CA LEU D 19 -23.25 -10.70 -10.16
C LEU D 19 -22.52 -12.04 -10.05
N VAL D 20 -21.92 -12.48 -11.15
CA VAL D 20 -21.20 -13.74 -11.17
C VAL D 20 -19.69 -13.47 -11.09
N GLU D 21 -19.15 -13.60 -9.88
CA GLU D 21 -17.74 -13.34 -9.63
C GLU D 21 -16.83 -14.52 -9.92
N TYR D 22 -15.78 -14.28 -10.69
CA TYR D 22 -14.85 -15.35 -11.01
C TYR D 22 -13.42 -14.81 -11.11
N SER D 23 -12.47 -15.73 -11.31
CA SER D 23 -11.07 -15.36 -11.47
C SER D 23 -10.55 -16.07 -12.72
N GLY D 24 -9.29 -15.81 -13.07
CA GLY D 24 -8.71 -16.43 -14.23
C GLY D 24 -8.61 -17.94 -14.18
N THR D 25 -8.55 -18.53 -12.98
CA THR D 25 -8.47 -19.98 -12.89
C THR D 25 -9.82 -20.68 -12.78
N SER D 26 -10.89 -19.89 -12.68
CA SER D 26 -12.24 -20.44 -12.56
C SER D 26 -12.79 -21.15 -13.80
N ARG D 27 -12.33 -20.76 -14.98
CA ARG D 27 -12.84 -21.33 -16.22
C ARG D 27 -14.32 -20.98 -16.23
N ALA D 28 -14.62 -19.71 -16.02
CA ALA D 28 -15.99 -19.24 -15.99
C ALA D 28 -16.77 -19.53 -17.27
N GLU D 29 -16.06 -19.75 -18.38
CA GLU D 29 -16.75 -20.04 -19.63
C GLU D 29 -17.62 -21.30 -19.50
N LEU D 30 -17.27 -22.18 -18.56
CA LEU D 30 -18.04 -23.40 -18.35
C LEU D 30 -19.44 -23.08 -17.81
N LEU D 31 -19.52 -22.13 -16.89
CA LEU D 31 -20.81 -21.76 -16.33
C LEU D 31 -21.64 -21.05 -17.39
N LEU D 32 -20.97 -20.28 -18.25
CA LEU D 32 -21.65 -19.58 -19.33
C LEU D 32 -22.23 -20.57 -20.33
N TYR D 33 -21.46 -21.59 -20.67
CA TYR D 33 -21.92 -22.60 -21.61
C TYR D 33 -23.15 -23.28 -21.02
N TYR D 34 -23.06 -23.68 -19.76
CA TYR D 34 -24.16 -24.33 -19.05
C TYR D 34 -25.44 -23.52 -19.11
N ILE D 35 -25.32 -22.21 -18.93
CA ILE D 35 -26.46 -21.31 -18.95
C ILE D 35 -27.10 -21.20 -20.33
N VAL D 36 -26.25 -21.17 -21.36
CA VAL D 36 -26.72 -21.03 -22.74
C VAL D 36 -27.25 -22.33 -23.35
N ASN D 37 -26.52 -23.42 -23.15
CA ASN D 37 -26.90 -24.70 -23.72
C ASN D 37 -28.26 -25.24 -23.30
N ASN D 38 -29.09 -25.56 -24.29
CA ASN D 38 -30.43 -26.10 -24.07
C ASN D 38 -31.32 -25.27 -23.16
N SER D 39 -31.13 -23.96 -23.16
CA SER D 39 -31.93 -23.06 -22.33
C SER D 39 -33.35 -23.00 -22.87
N LYS D 40 -34.33 -23.18 -22.00
CA LYS D 40 -35.73 -23.13 -22.43
C LYS D 40 -36.21 -21.70 -22.58
N LEU D 41 -35.45 -20.76 -22.01
CA LEU D 41 -35.78 -19.34 -22.11
C LEU D 41 -34.81 -18.71 -23.11
N PRO D 42 -35.28 -17.75 -23.90
CA PRO D 42 -34.42 -17.09 -24.89
C PRO D 42 -33.18 -16.48 -24.25
N ILE D 43 -32.05 -16.57 -24.93
CA ILE D 43 -30.80 -16.03 -24.44
C ILE D 43 -30.42 -14.79 -25.25
N VAL D 44 -29.98 -13.75 -24.55
CA VAL D 44 -29.51 -12.52 -25.19
C VAL D 44 -28.22 -12.17 -24.47
N VAL D 45 -27.12 -12.20 -25.21
CA VAL D 45 -25.82 -11.89 -24.64
C VAL D 45 -25.35 -10.47 -24.92
N ASP D 46 -25.00 -9.74 -23.86
CA ASP D 46 -24.45 -8.40 -24.03
C ASP D 46 -22.94 -8.65 -24.02
N ASP D 47 -22.32 -8.45 -25.17
CA ASP D 47 -20.89 -8.70 -25.38
C ASP D 47 -20.05 -7.43 -25.35
N ILE D 48 -19.38 -7.18 -24.24
CA ILE D 48 -18.54 -6.00 -24.08
C ILE D 48 -17.09 -6.22 -24.49
N LEU D 49 -16.62 -5.40 -25.43
CA LEU D 49 -15.25 -5.47 -25.92
C LEU D 49 -14.76 -6.86 -26.30
N ASP D 50 -15.55 -7.53 -27.13
CA ASP D 50 -15.25 -8.87 -27.64
C ASP D 50 -14.93 -9.93 -26.59
N THR D 51 -15.58 -9.84 -25.44
CA THR D 51 -15.36 -10.82 -24.39
C THR D 51 -16.07 -12.13 -24.71
N TYR D 52 -17.17 -12.05 -25.45
CA TYR D 52 -17.92 -13.24 -25.83
C TYR D 52 -17.08 -14.14 -26.73
N TYR D 53 -16.27 -13.52 -27.58
CA TYR D 53 -15.40 -14.25 -28.48
C TYR D 53 -14.32 -15.02 -27.69
N GLU D 54 -13.86 -14.44 -26.59
CA GLU D 54 -12.84 -15.07 -25.76
C GLU D 54 -13.38 -16.33 -25.10
N PHE D 55 -14.60 -16.24 -24.57
CA PHE D 55 -15.27 -17.37 -23.92
C PHE D 55 -15.51 -18.47 -24.97
N TYR D 56 -16.07 -18.05 -26.10
CA TYR D 56 -16.37 -18.94 -27.21
C TYR D 56 -15.11 -19.69 -27.66
N THR D 57 -14.03 -18.95 -27.82
CA THR D 57 -12.75 -19.52 -28.26
C THR D 57 -12.17 -20.53 -27.27
N ARG D 58 -12.29 -20.26 -25.98
CA ARG D 58 -11.76 -21.19 -24.99
C ARG D 58 -12.59 -22.46 -24.95
N LEU D 59 -13.90 -22.32 -25.13
CA LEU D 59 -14.79 -23.48 -25.14
C LEU D 59 -14.57 -24.35 -26.38
N LYS D 60 -14.39 -23.71 -27.53
CA LYS D 60 -14.16 -24.42 -28.77
C LYS D 60 -12.89 -25.27 -28.66
N VAL D 61 -11.82 -24.67 -28.17
CA VAL D 61 -10.57 -25.41 -28.02
C VAL D 61 -10.74 -26.57 -27.03
N ALA D 62 -11.63 -26.34 -26.05
CA ALA D 62 -11.87 -27.39 -25.05
C ALA D 62 -12.74 -28.53 -25.60
N GLY D 63 -13.18 -28.37 -26.87
CA GLY D 63 -13.90 -29.46 -27.53
C GLY D 63 -15.43 -29.39 -27.31
N PHE D 64 -15.95 -28.27 -26.82
CA PHE D 64 -17.40 -28.16 -26.62
C PHE D 64 -18.09 -27.95 -27.97
N ASP D 65 -19.36 -28.32 -28.05
CA ASP D 65 -20.14 -28.10 -29.26
C ASP D 65 -20.60 -26.67 -29.07
N VAL D 66 -19.97 -25.73 -29.75
CA VAL D 66 -20.30 -24.33 -29.59
C VAL D 66 -21.39 -23.77 -30.50
N ALA D 67 -22.14 -24.65 -31.16
CA ALA D 67 -23.23 -24.22 -32.03
C ALA D 67 -24.22 -23.38 -31.25
N PRO D 68 -24.59 -23.81 -30.03
CA PRO D 68 -25.55 -23.06 -29.21
C PRO D 68 -25.13 -21.61 -28.96
N LEU D 69 -23.82 -21.37 -28.88
CA LEU D 69 -23.33 -20.01 -28.66
C LEU D 69 -23.46 -19.16 -29.92
N GLU D 70 -23.44 -19.80 -31.08
CA GLU D 70 -23.54 -19.08 -32.34
C GLU D 70 -24.98 -18.75 -32.70
N ASN D 71 -25.94 -19.40 -32.04
CA ASN D 71 -27.35 -19.18 -32.34
C ASN D 71 -28.12 -18.25 -31.41
N VAL D 72 -27.48 -17.74 -30.36
CA VAL D 72 -28.15 -16.83 -29.45
C VAL D 72 -28.03 -15.40 -29.96
N GLN D 73 -28.98 -14.55 -29.60
CA GLN D 73 -28.95 -13.14 -30.02
C GLN D 73 -27.91 -12.40 -29.20
N VAL D 74 -27.18 -11.49 -29.84
CA VAL D 74 -26.14 -10.75 -29.15
C VAL D 74 -26.15 -9.25 -29.40
N ILE D 75 -25.88 -8.49 -28.35
CA ILE D 75 -25.78 -7.04 -28.44
C ILE D 75 -24.33 -6.70 -28.15
N LYS D 76 -23.59 -6.27 -29.16
CA LYS D 76 -22.20 -5.91 -28.97
C LYS D 76 -22.03 -4.48 -28.49
N GLY D 78 -18.92 -2.19 -28.42
CA GLY D 78 -17.54 -2.06 -28.83
C GLY D 78 -17.15 -3.38 -29.46
N GLY D 79 -15.86 -3.60 -29.70
CA GLY D 79 -15.43 -4.87 -30.27
C GLY D 79 -15.55 -5.04 -31.77
N THR D 80 -14.79 -5.97 -32.32
CA THR D 80 -14.79 -6.24 -33.77
C THR D 80 -14.96 -7.73 -34.10
N LYS D 81 -15.05 -8.57 -33.08
CA LYS D 81 -15.20 -10.02 -33.27
C LYS D 81 -16.66 -10.41 -33.09
N ASP D 82 -17.32 -10.79 -34.19
CA ASP D 82 -18.71 -11.18 -34.14
C ASP D 82 -18.93 -12.66 -33.83
N ILE D 83 -19.72 -12.92 -32.79
CA ILE D 83 -20.06 -14.28 -32.40
C ILE D 83 -21.56 -14.29 -32.07
N GLY D 84 -22.29 -15.19 -32.71
CA GLY D 84 -23.73 -15.28 -32.46
C GLY D 84 -24.52 -14.37 -33.39
N ARG D 85 -25.83 -14.32 -33.19
CA ARG D 85 -26.69 -13.46 -34.02
C ARG D 85 -26.69 -12.06 -33.43
N VAL D 86 -25.84 -11.21 -33.99
CA VAL D 86 -25.73 -9.82 -33.53
C VAL D 86 -26.93 -8.99 -33.94
N ILE D 87 -27.77 -8.62 -32.97
CA ILE D 87 -28.95 -7.82 -33.26
C ILE D 87 -28.70 -6.34 -33.00
N GLY D 88 -27.50 -5.99 -32.53
CA GLY D 88 -27.20 -4.59 -32.27
C GLY D 88 -25.73 -4.32 -31.97
N ARG D 89 -25.27 -3.13 -32.35
CA ARG D 89 -23.88 -2.71 -32.11
C ARG D 89 -23.91 -1.32 -31.47
N LEU D 90 -23.33 -1.22 -30.28
CA LEU D 90 -23.32 0.04 -29.57
C LEU D 90 -21.91 0.56 -29.33
N ASN D 91 -21.73 1.85 -29.59
CA ASN D 91 -20.42 2.48 -29.39
C ASN D 91 -20.22 2.71 -27.91
N ILE D 92 -18.96 2.76 -27.49
CA ILE D 92 -18.65 3.00 -26.10
C ILE D 92 -17.98 4.36 -26.00
N SER D 93 -18.52 5.19 -25.11
CA SER D 93 -18.00 6.54 -24.89
C SER D 93 -17.89 6.73 -23.38
N LYS D 94 -16.70 7.10 -22.92
CA LYS D 94 -16.45 7.28 -21.50
C LYS D 94 -16.71 5.97 -20.76
N TYR D 95 -16.52 4.87 -21.49
CA TYR D 95 -16.69 3.51 -20.97
C TYR D 95 -18.06 3.07 -20.48
N VAL D 96 -19.10 3.64 -21.07
CA VAL D 96 -20.47 3.27 -20.77
C VAL D 96 -21.21 3.23 -22.09
N ILE D 97 -22.46 2.79 -22.09
CA ILE D 97 -23.26 2.72 -23.30
C ILE D 97 -24.45 3.68 -23.18
N SER D 98 -24.88 4.22 -24.31
CA SER D 98 -26.03 5.12 -24.31
C SER D 98 -27.26 4.32 -23.91
N GLU D 99 -27.95 4.81 -22.89
CA GLU D 99 -29.15 4.16 -22.39
C GLU D 99 -30.24 4.19 -23.47
N GLN D 100 -30.36 5.32 -24.14
CA GLN D 100 -31.36 5.48 -25.19
C GLN D 100 -31.11 4.45 -26.29
N GLU D 101 -29.87 4.38 -26.76
CA GLU D 101 -29.50 3.45 -27.82
C GLU D 101 -29.76 2.00 -27.41
N TYR D 102 -29.50 1.67 -26.14
CA TYR D 102 -29.71 0.30 -25.67
C TYR D 102 -31.18 -0.08 -25.75
N GLU D 104 -33.37 1.28 -27.49
CA GLU D 104 -33.73 1.35 -28.90
C GLU D 104 -33.50 -0.01 -29.55
N ILE D 105 -32.54 -0.76 -29.01
CA ILE D 105 -32.19 -2.07 -29.52
C ILE D 105 -32.99 -3.20 -28.88
N VAL D 106 -33.27 -3.11 -27.58
CA VAL D 106 -34.00 -4.17 -26.90
C VAL D 106 -35.50 -4.15 -27.18
N SER D 107 -35.94 -3.21 -28.00
CA SER D 107 -37.37 -3.10 -28.33
C SER D 107 -37.75 -4.15 -29.37
N GLN D 108 -36.80 -4.51 -30.23
CA GLN D 108 -37.01 -5.50 -31.29
C GLN D 108 -37.04 -6.92 -30.72
N LEU D 109 -37.31 -7.04 -29.43
CA LEU D 109 -37.33 -8.30 -28.72
C LEU D 109 -38.71 -8.60 -28.16
N LYS D 110 -39.07 -9.90 -28.23
CA LYS D 110 -40.28 -10.35 -27.58
C LYS D 110 -40.09 -11.70 -26.92
N ASP D 111 -41.20 -12.22 -26.38
CA ASP D 111 -41.10 -13.46 -25.64
C ASP D 111 -40.21 -13.31 -24.41
N TYR D 112 -40.52 -12.29 -23.59
CA TYR D 112 -39.88 -12.19 -22.28
C TYR D 112 -40.43 -13.24 -21.32
N PRO D 113 -39.78 -13.65 -20.22
CA PRO D 113 -38.46 -13.26 -19.74
C PRO D 113 -37.33 -13.85 -20.57
N VAL D 114 -36.16 -13.25 -20.44
CA VAL D 114 -34.98 -13.69 -21.16
C VAL D 114 -33.84 -13.86 -20.17
N ILE D 115 -32.89 -14.73 -20.49
CA ILE D 115 -31.71 -14.93 -19.66
C ILE D 115 -30.71 -13.99 -20.33
N ASN D 116 -30.19 -13.03 -19.58
CA ASN D 116 -29.29 -12.03 -20.13
C ASN D 116 -27.85 -11.98 -19.62
N PRO D 117 -26.99 -12.86 -20.16
CA PRO D 117 -25.59 -12.87 -19.73
C PRO D 117 -24.88 -11.61 -20.21
N VAL D 118 -24.20 -10.92 -19.31
CA VAL D 118 -23.46 -9.72 -19.67
C VAL D 118 -21.99 -10.07 -19.40
N LEU D 119 -21.16 -9.96 -20.43
CA LEU D 119 -19.76 -10.32 -20.32
C LEU D 119 -18.82 -9.15 -20.56
N GLY D 120 -17.76 -9.08 -19.77
CA GLY D 120 -16.78 -8.02 -19.94
C GLY D 120 -16.89 -6.72 -19.16
N LEU D 121 -17.80 -6.64 -18.21
CA LEU D 121 -17.94 -5.40 -17.44
C LEU D 121 -16.62 -4.94 -16.78
N HIS D 122 -15.84 -5.89 -16.25
CA HIS D 122 -14.58 -5.54 -15.60
C HIS D 122 -13.62 -4.79 -16.50
N LYS D 123 -13.77 -4.94 -17.80
CA LYS D 123 -12.90 -4.23 -18.75
C LYS D 123 -13.19 -2.74 -18.72
N LEU D 124 -14.48 -2.40 -18.68
CA LEU D 124 -14.91 -1.00 -18.66
C LEU D 124 -14.36 -0.32 -17.41
N ILE D 125 -14.34 -1.06 -16.31
CA ILE D 125 -13.86 -0.52 -15.05
C ILE D 125 -12.34 -0.36 -15.02
N LEU D 126 -11.62 -1.33 -15.55
CA LEU D 126 -10.16 -1.28 -15.59
C LEU D 126 -9.65 -0.13 -16.46
N LEU D 127 -10.38 0.18 -17.52
CA LEU D 127 -10.00 1.24 -18.46
C LEU D 127 -10.44 2.66 -18.10
N GLY D 128 -11.63 2.80 -17.53
CA GLY D 128 -12.13 4.13 -17.19
C GLY D 128 -11.53 4.79 -15.97
N ASN D 129 -11.74 6.09 -15.81
CA ASN D 129 -11.23 6.79 -14.65
C ASN D 129 -12.21 6.58 -13.51
N THR D 130 -11.92 7.12 -12.33
CA THR D 130 -12.79 6.93 -11.19
C THR D 130 -14.23 7.38 -11.41
N PHE D 131 -14.43 8.52 -12.08
CA PHE D 131 -15.78 9.01 -12.34
C PHE D 131 -16.53 8.11 -13.33
N GLU D 132 -15.79 7.59 -14.31
CA GLU D 132 -16.39 6.71 -15.31
C GLU D 132 -16.74 5.35 -14.68
N ASN D 133 -15.94 4.92 -13.71
CA ASN D 133 -16.19 3.66 -13.00
C ASN D 133 -17.55 3.76 -12.31
N ILE D 134 -17.80 4.88 -11.65
CA ILE D 134 -19.06 5.14 -10.96
C ILE D 134 -20.22 5.13 -11.98
N ASN D 135 -19.98 5.72 -13.15
CA ASN D 135 -21.02 5.73 -14.19
C ASN D 135 -21.34 4.29 -14.62
N VAL D 136 -20.33 3.42 -14.65
CA VAL D 136 -20.53 2.01 -15.02
C VAL D 136 -21.48 1.34 -14.01
N VAL D 137 -21.22 1.55 -12.72
CA VAL D 137 -22.06 1.00 -11.68
C VAL D 137 -23.47 1.56 -11.82
N LYS D 138 -23.57 2.84 -12.15
CA LYS D 138 -24.85 3.50 -12.35
C LYS D 138 -25.57 2.82 -13.52
N VAL D 140 -25.31 -0.23 -14.40
CA VAL D 140 -25.81 -1.51 -13.90
C VAL D 140 -27.06 -1.37 -13.03
N SER D 141 -27.07 -0.42 -12.10
CA SER D 141 -28.23 -0.25 -11.23
C SER D 141 -29.48 0.26 -11.96
N ASN D 142 -29.29 0.98 -13.07
CA ASN D 142 -30.44 1.48 -13.83
C ASN D 142 -31.36 0.36 -14.30
N TYR D 143 -30.80 -0.83 -14.48
CA TYR D 143 -31.58 -1.94 -14.99
C TYR D 143 -32.11 -2.94 -13.97
N VAL D 144 -31.64 -2.85 -12.73
CA VAL D 144 -32.11 -3.77 -11.69
C VAL D 144 -33.62 -3.64 -11.54
N GLY D 145 -34.32 -4.78 -11.51
CA GLY D 145 -35.76 -4.72 -11.33
C GLY D 145 -36.66 -4.88 -12.55
N ARG D 146 -36.12 -4.70 -13.75
CA ARG D 146 -36.91 -4.85 -14.95
C ARG D 146 -37.21 -6.32 -15.21
N GLU D 147 -38.48 -6.68 -15.11
CA GLU D 147 -38.93 -8.06 -15.26
C GLU D 147 -38.78 -8.70 -16.64
N GLU D 148 -38.32 -7.94 -17.63
CA GLU D 148 -38.16 -8.50 -18.96
C GLU D 148 -36.99 -9.50 -19.00
N ARG D 149 -36.18 -9.53 -17.95
CA ARG D 149 -35.06 -10.45 -17.91
C ARG D 149 -34.42 -10.68 -16.55
N ILE D 150 -33.48 -11.61 -16.55
CA ILE D 150 -32.69 -11.93 -15.39
C ILE D 150 -31.28 -11.80 -15.97
N ALA D 151 -30.52 -10.83 -15.46
CA ALA D 151 -29.18 -10.57 -15.94
C ALA D 151 -28.10 -11.24 -15.10
N PHE D 152 -27.08 -11.76 -15.77
CA PHE D 152 -25.95 -12.40 -15.11
C PHE D 152 -24.70 -11.66 -15.54
N TYR D 153 -24.18 -10.83 -14.64
CA TYR D 153 -22.97 -10.09 -14.95
C TYR D 153 -21.73 -10.88 -14.56
N PHE D 154 -21.07 -11.44 -15.57
CA PHE D 154 -19.86 -12.23 -15.36
C PHE D 154 -18.71 -11.24 -15.21
N VAL D 155 -18.17 -11.12 -14.01
CA VAL D 155 -17.06 -10.19 -13.81
C VAL D 155 -15.85 -10.84 -13.18
N ASN D 156 -14.67 -10.48 -13.69
CA ASN D 156 -13.45 -11.00 -13.14
C ASN D 156 -13.25 -10.18 -11.85
N ARG D 157 -13.56 -10.81 -10.73
CA ARG D 157 -13.47 -10.17 -9.42
C ARG D 157 -12.15 -9.48 -9.12
N ASN D 158 -11.04 -10.19 -9.35
CA ASN D 158 -9.72 -9.64 -9.07
C ASN D 158 -9.39 -8.40 -9.88
N VAL D 159 -9.84 -8.38 -11.14
CA VAL D 159 -9.59 -7.24 -12.01
C VAL D 159 -10.19 -5.98 -11.38
N ILE D 160 -11.43 -6.08 -10.89
CA ILE D 160 -12.11 -4.94 -10.28
C ILE D 160 -11.57 -4.56 -8.90
N GLU D 161 -11.46 -5.53 -8.00
CA GLU D 161 -11.00 -5.25 -6.65
C GLU D 161 -9.56 -4.75 -6.56
N LYS D 162 -8.68 -5.25 -7.42
CA LYS D 162 -7.29 -4.82 -7.40
C LYS D 162 -7.12 -3.50 -8.15
N HIS D 163 -8.11 -3.13 -8.96
CA HIS D 163 -8.03 -1.86 -9.68
C HIS D 163 -8.68 -0.76 -8.84
N SER D 164 -9.82 -1.08 -8.23
CA SER D 164 -10.55 -0.13 -7.40
C SER D 164 -11.54 -0.85 -6.50
N SER D 165 -11.07 -1.21 -5.32
CA SER D 165 -11.88 -1.93 -4.34
C SER D 165 -13.26 -1.32 -4.09
N PRO D 166 -13.36 0.03 -4.00
CA PRO D 166 -14.65 0.68 -3.77
C PRO D 166 -15.72 0.37 -4.81
N ILE D 167 -15.32 0.22 -6.07
CA ILE D 167 -16.26 -0.07 -7.13
C ILE D 167 -16.87 -1.46 -6.95
N LEU D 168 -16.05 -2.42 -6.56
CA LEU D 168 -16.56 -3.77 -6.34
C LEU D 168 -17.65 -3.71 -5.28
N ASP D 169 -17.39 -2.99 -4.20
CA ASP D 169 -18.37 -2.85 -3.12
C ASP D 169 -19.66 -2.19 -3.61
N LEU D 170 -19.55 -1.16 -4.43
CA LEU D 170 -20.72 -0.49 -4.97
C LEU D 170 -21.49 -1.47 -5.84
N LEU D 171 -20.75 -2.21 -6.68
CA LEU D 171 -21.36 -3.20 -7.56
C LEU D 171 -22.13 -4.26 -6.80
N GLU D 172 -21.50 -4.82 -5.76
CA GLU D 172 -22.14 -5.85 -4.98
C GLU D 172 -23.38 -5.31 -4.28
N GLU D 173 -23.37 -4.02 -3.96
CA GLU D 173 -24.50 -3.40 -3.29
C GLU D 173 -25.73 -3.23 -4.18
N VAL D 174 -25.53 -2.85 -5.45
CA VAL D 174 -26.67 -2.63 -6.34
C VAL D 174 -27.33 -3.88 -6.92
N VAL D 175 -26.60 -4.99 -6.97
CA VAL D 175 -27.19 -6.21 -7.51
C VAL D 175 -28.06 -6.90 -6.47
N THR D 176 -28.88 -7.84 -6.92
CA THR D 176 -29.78 -8.56 -6.03
C THR D 176 -29.22 -9.90 -5.58
N SER D 177 -28.37 -10.50 -6.41
CA SER D 177 -27.75 -11.77 -6.05
C SER D 177 -26.29 -11.76 -6.48
N ILE D 178 -25.45 -12.41 -5.68
CA ILE D 178 -24.03 -12.51 -5.99
C ILE D 178 -23.57 -13.97 -5.88
N LEU D 179 -22.94 -14.46 -6.93
CA LEU D 179 -22.43 -15.81 -6.93
C LEU D 179 -20.93 -15.72 -7.10
N GLU D 180 -20.20 -16.61 -6.43
CA GLU D 180 -18.76 -16.62 -6.57
C GLU D 180 -18.29 -18.02 -6.95
N ILE D 181 -17.65 -18.13 -8.10
CA ILE D 181 -17.15 -19.41 -8.57
C ILE D 181 -15.86 -19.78 -7.83
N THR D 182 -15.88 -20.90 -7.10
CA THR D 182 -14.69 -21.37 -6.40
C THR D 182 -14.40 -22.78 -6.86
N ASP D 183 -13.29 -23.35 -6.42
CA ASP D 183 -12.93 -24.70 -6.81
C ASP D 183 -13.93 -25.73 -6.28
N SER D 184 -14.53 -25.46 -5.13
CA SER D 184 -15.48 -26.40 -4.54
C SER D 184 -16.92 -26.24 -5.03
N GLY D 185 -17.18 -25.20 -5.81
CA GLY D 185 -18.53 -24.97 -6.30
C GLY D 185 -18.85 -23.50 -6.33
N ILE D 186 -20.14 -23.18 -6.45
CA ILE D 186 -20.55 -21.78 -6.50
C ILE D 186 -21.14 -21.31 -5.17
N ILE D 187 -20.50 -20.31 -4.58
CA ILE D 187 -20.97 -19.76 -3.31
C ILE D 187 -22.01 -18.68 -3.58
N ILE D 188 -23.13 -18.76 -2.87
CA ILE D 188 -24.18 -17.77 -3.03
C ILE D 188 -23.91 -16.76 -1.92
N LYS D 189 -23.15 -15.71 -2.22
CA LYS D 189 -22.81 -14.67 -1.25
C LYS D 189 -23.99 -13.79 -0.87
N LYS D 190 -24.89 -13.56 -1.82
CA LYS D 190 -26.06 -12.73 -1.55
C LYS D 190 -27.23 -13.24 -2.38
N SER D 191 -28.43 -13.16 -1.81
CA SER D 191 -29.62 -13.64 -2.49
C SER D 191 -30.90 -13.04 -1.89
N ILE D 192 -31.95 -12.96 -2.72
CA ILE D 192 -33.24 -12.51 -2.20
C ILE D 192 -33.83 -13.57 -1.27
N LYS D 193 -33.52 -14.83 -1.60
CA LYS D 193 -33.99 -15.94 -0.81
C LYS D 193 -33.02 -16.25 0.33
N ASP D 194 -33.40 -15.88 1.54
CA ASP D 194 -32.58 -16.11 2.72
C ASP D 194 -32.34 -17.61 2.98
N GLU D 195 -33.02 -18.45 2.21
CA GLU D 195 -32.90 -19.90 2.34
C GLU D 195 -31.64 -20.46 1.69
N ILE D 196 -31.02 -19.68 0.79
CA ILE D 196 -29.82 -20.12 0.10
C ILE D 196 -28.59 -19.26 0.33
N ALA D 197 -28.74 -18.18 1.10
CA ALA D 197 -27.61 -17.30 1.37
C ALA D 197 -26.50 -18.00 2.14
N GLY D 198 -25.29 -17.96 1.59
CA GLY D 198 -24.16 -18.60 2.25
C GLY D 198 -23.98 -20.05 1.83
N LYS D 199 -24.93 -20.57 1.07
CA LYS D 199 -24.89 -21.96 0.59
C LYS D 199 -24.07 -22.08 -0.69
N ILE D 200 -23.55 -23.28 -0.92
CA ILE D 200 -22.75 -23.58 -2.09
C ILE D 200 -23.42 -24.68 -2.93
N VAL D 201 -23.56 -24.42 -4.22
CA VAL D 201 -24.17 -25.39 -5.14
C VAL D 201 -23.20 -25.74 -6.26
N SER D 202 -23.40 -26.92 -6.86
CA SER D 202 -22.55 -27.38 -7.97
C SER D 202 -23.47 -27.85 -9.09
N PRO D 203 -24.10 -26.90 -9.80
CA PRO D 203 -25.03 -27.16 -10.90
C PRO D 203 -24.44 -27.81 -12.15
N LEU D 204 -23.11 -27.78 -12.29
CA LEU D 204 -22.50 -28.38 -13.46
C LEU D 204 -22.38 -29.89 -13.37
N LEU D 205 -22.59 -30.46 -12.18
CA LEU D 205 -22.52 -31.91 -12.02
C LEU D 205 -23.80 -32.59 -12.53
N ASN E 4 -39.60 -5.32 17.90
CA ASN E 4 -40.58 -4.40 17.31
C ASN E 4 -40.06 -2.99 17.13
N SER E 5 -40.63 -2.28 16.17
CA SER E 5 -40.28 -0.90 15.86
C SER E 5 -39.93 -0.04 17.06
N GLU E 6 -40.94 0.23 17.87
CA GLU E 6 -40.79 1.06 19.06
C GLU E 6 -39.62 0.69 19.96
N LYS E 7 -39.41 -0.61 20.18
CA LYS E 7 -38.32 -1.06 21.03
C LYS E 7 -36.97 -0.64 20.44
N PHE E 8 -36.82 -0.88 19.14
CA PHE E 8 -35.59 -0.54 18.42
C PHE E 8 -35.31 0.96 18.49
N PHE E 9 -36.34 1.77 18.29
CA PHE E 9 -36.21 3.21 18.32
C PHE E 9 -35.84 3.77 19.71
N LYS E 10 -36.19 3.03 20.76
CA LYS E 10 -35.89 3.48 22.11
C LYS E 10 -34.39 3.44 22.39
N LEU E 11 -33.63 2.84 21.44
CA LEU E 11 -32.18 2.81 21.61
C LEU E 11 -31.57 4.19 21.39
N PHE E 12 -32.35 5.05 20.69
CA PHE E 12 -31.86 6.39 20.36
C PHE E 12 -32.81 7.48 20.90
N ARG E 13 -32.30 8.70 21.02
CA ARG E 13 -33.12 9.81 21.49
C ARG E 13 -33.15 10.89 20.42
N VAL E 14 -34.13 11.78 20.47
CA VAL E 14 -34.22 12.83 19.46
C VAL E 14 -32.95 13.66 19.50
N GLY E 15 -32.54 14.13 18.32
CA GLY E 15 -31.33 14.94 18.25
C GLY E 15 -30.12 14.11 17.87
N GLU E 16 -30.23 12.80 18.01
CA GLU E 16 -29.12 11.91 17.68
C GLU E 16 -28.90 11.75 16.19
N THR E 17 -27.66 11.42 15.84
CA THR E 17 -27.26 11.16 14.47
C THR E 17 -26.70 9.75 14.57
N VAL E 18 -27.31 8.81 13.87
CA VAL E 18 -26.89 7.43 13.92
C VAL E 18 -26.23 7.00 12.61
N LEU E 19 -25.01 6.48 12.70
CA LEU E 19 -24.31 6.02 11.51
C LEU E 19 -24.61 4.53 11.36
N VAL E 20 -25.22 4.16 10.24
CA VAL E 20 -25.55 2.76 9.97
C VAL E 20 -24.59 2.23 8.90
N GLU E 21 -23.57 1.51 9.35
CA GLU E 21 -22.55 0.97 8.47
C GLU E 21 -22.91 -0.39 7.89
N TYR E 22 -22.78 -0.52 6.57
CA TYR E 22 -23.10 -1.78 5.91
C TYR E 22 -22.14 -2.06 4.75
N SER E 23 -22.34 -3.20 4.11
CA SER E 23 -21.52 -3.59 2.97
C SER E 23 -22.46 -4.08 1.87
N GLY E 24 -21.91 -4.37 0.70
CA GLY E 24 -22.73 -4.82 -0.41
C GLY E 24 -23.55 -6.08 -0.13
N THR E 25 -22.99 -7.01 0.65
CA THR E 25 -23.67 -8.26 0.96
C THR E 25 -24.63 -8.19 2.14
N SER E 26 -24.73 -7.03 2.78
CA SER E 26 -25.59 -6.87 3.96
C SER E 26 -27.08 -6.76 3.68
N ARG E 27 -27.45 -6.30 2.48
CA ARG E 27 -28.85 -6.09 2.11
C ARG E 27 -29.41 -5.09 3.11
N ALA E 28 -28.73 -3.94 3.22
CA ALA E 28 -29.12 -2.89 4.13
C ALA E 28 -30.53 -2.38 3.88
N GLU E 29 -31.04 -2.59 2.67
CA GLU E 29 -32.40 -2.15 2.34
C GLU E 29 -33.43 -2.78 3.29
N LEU E 30 -33.11 -3.94 3.84
CA LEU E 30 -34.02 -4.60 4.77
C LEU E 30 -34.19 -3.78 6.06
N LEU E 31 -33.09 -3.18 6.53
CA LEU E 31 -33.15 -2.37 7.72
C LEU E 31 -33.89 -1.07 7.41
N LEU E 32 -33.63 -0.48 6.26
CA LEU E 32 -34.30 0.75 5.88
C LEU E 32 -35.80 0.50 5.80
N TYR E 33 -36.19 -0.65 5.24
CA TYR E 33 -37.61 -0.97 5.13
C TYR E 33 -38.22 -1.08 6.51
N TYR E 34 -37.50 -1.74 7.42
CA TYR E 34 -37.94 -1.95 8.80
C TYR E 34 -38.23 -0.62 9.50
N ILE E 35 -37.30 0.32 9.33
CA ILE E 35 -37.43 1.65 9.95
C ILE E 35 -38.57 2.46 9.34
N VAL E 36 -38.78 2.34 8.04
CA VAL E 36 -39.82 3.10 7.37
C VAL E 36 -41.21 2.52 7.65
N ASN E 37 -41.37 1.23 7.40
CA ASN E 37 -42.66 0.57 7.61
C ASN E 37 -43.13 0.64 9.07
N ASN E 38 -42.19 0.53 9.99
CA ASN E 38 -42.50 0.54 11.42
C ASN E 38 -42.17 1.86 12.11
N SER E 39 -42.79 2.95 11.66
CA SER E 39 -42.49 4.24 12.27
C SER E 39 -43.78 5.01 12.62
N LYS E 40 -43.91 5.33 13.92
CA LYS E 40 -45.04 6.14 14.34
C LYS E 40 -44.80 7.62 14.03
N LEU E 41 -43.50 7.96 13.85
CA LEU E 41 -43.14 9.31 13.45
C LEU E 41 -43.15 9.46 11.93
N PRO E 42 -43.32 10.70 11.43
CA PRO E 42 -43.27 10.88 9.97
C PRO E 42 -41.86 10.56 9.48
N ILE E 43 -41.75 10.07 8.25
CA ILE E 43 -40.46 9.74 7.67
C ILE E 43 -40.09 10.77 6.60
N VAL E 44 -38.86 11.26 6.68
CA VAL E 44 -38.33 12.21 5.71
C VAL E 44 -36.98 11.66 5.26
N VAL E 45 -36.85 11.35 3.98
CA VAL E 45 -35.62 10.79 3.45
C VAL E 45 -34.75 11.74 2.66
N ASP E 46 -33.48 11.79 3.00
CA ASP E 46 -32.53 12.60 2.24
C ASP E 46 -31.95 11.60 1.24
N ASP E 47 -32.34 11.79 -0.02
CA ASP E 47 -31.95 10.91 -1.10
C ASP E 47 -30.82 11.48 -1.94
N ILE E 48 -29.60 11.01 -1.69
CA ILE E 48 -28.42 11.47 -2.41
C ILE E 48 -28.12 10.56 -3.60
N LEU E 49 -27.95 11.18 -4.77
CA LEU E 49 -27.63 10.50 -6.01
C LEU E 49 -28.43 9.23 -6.32
N ASP E 50 -29.75 9.36 -6.22
CA ASP E 50 -30.69 8.28 -6.50
C ASP E 50 -30.51 6.99 -5.74
N THR E 51 -29.96 7.08 -4.53
CA THR E 51 -29.74 5.90 -3.70
C THR E 51 -31.07 5.34 -3.20
N TYR E 52 -32.06 6.20 -2.98
CA TYR E 52 -33.36 5.74 -2.49
C TYR E 52 -33.99 4.83 -3.56
N TYR E 53 -33.86 5.23 -4.82
CA TYR E 53 -34.38 4.45 -5.94
C TYR E 53 -33.77 3.06 -5.98
N GLU E 54 -32.46 2.97 -5.71
CA GLU E 54 -31.76 1.68 -5.70
C GLU E 54 -32.30 0.77 -4.59
N PHE E 55 -32.43 1.32 -3.38
CA PHE E 55 -32.95 0.56 -2.24
C PHE E 55 -34.38 0.11 -2.56
N TYR E 56 -35.15 1.04 -3.13
CA TYR E 56 -36.53 0.81 -3.50
C TYR E 56 -36.62 -0.36 -4.49
N THR E 57 -35.82 -0.30 -5.53
CA THR E 57 -35.81 -1.34 -6.55
C THR E 57 -35.46 -2.73 -6.00
N ARG E 58 -34.49 -2.81 -5.10
CA ARG E 58 -34.08 -4.09 -4.54
C ARG E 58 -35.17 -4.70 -3.67
N LEU E 59 -35.85 -3.85 -2.90
CA LEU E 59 -36.92 -4.33 -2.05
C LEU E 59 -38.09 -4.79 -2.93
N LYS E 60 -38.37 -4.05 -3.99
CA LYS E 60 -39.46 -4.39 -4.90
C LYS E 60 -39.26 -5.76 -5.54
N VAL E 61 -38.09 -5.98 -6.12
CA VAL E 61 -37.79 -7.26 -6.75
C VAL E 61 -37.82 -8.38 -5.73
N ALA E 62 -37.51 -8.06 -4.48
CA ALA E 62 -37.52 -9.05 -3.40
C ALA E 62 -38.94 -9.45 -3.00
N GLY E 63 -39.93 -8.70 -3.46
CA GLY E 63 -41.31 -9.02 -3.14
C GLY E 63 -41.95 -8.16 -2.06
N PHE E 64 -41.17 -7.24 -1.47
CA PHE E 64 -41.71 -6.38 -0.44
C PHE E 64 -42.81 -5.48 -0.97
N ASP E 65 -43.67 -5.02 -0.07
CA ASP E 65 -44.74 -4.11 -0.44
C ASP E 65 -44.10 -2.73 -0.26
N VAL E 66 -43.74 -2.12 -1.38
CA VAL E 66 -43.06 -0.83 -1.35
C VAL E 66 -43.96 0.40 -1.24
N ALA E 67 -45.23 0.19 -0.93
CA ALA E 67 -46.15 1.31 -0.78
C ALA E 67 -45.67 2.30 0.28
N PRO E 68 -45.24 1.80 1.46
CA PRO E 68 -44.75 2.66 2.54
C PRO E 68 -43.58 3.56 2.12
N LEU E 69 -42.77 3.08 1.19
CA LEU E 69 -41.61 3.83 0.70
C LEU E 69 -42.08 4.93 -0.25
N GLU E 70 -43.16 4.64 -0.96
CA GLU E 70 -43.71 5.60 -1.91
C GLU E 70 -44.43 6.74 -1.21
N ASN E 71 -44.83 6.53 0.04
CA ASN E 71 -45.56 7.57 0.77
C ASN E 71 -44.74 8.48 1.69
N VAL E 72 -43.42 8.30 1.75
CA VAL E 72 -42.59 9.16 2.61
C VAL E 72 -42.22 10.44 1.87
N GLN E 73 -41.89 11.49 2.61
CA GLN E 73 -41.48 12.75 1.99
C GLN E 73 -39.98 12.65 1.67
N VAL E 74 -39.58 13.18 0.52
CA VAL E 74 -38.18 13.07 0.13
C VAL E 74 -37.50 14.35 -0.35
N ILE E 75 -36.26 14.53 0.10
CA ILE E 75 -35.46 15.67 -0.31
C ILE E 75 -34.36 15.07 -1.17
N LYS E 76 -34.38 15.37 -2.47
CA LYS E 76 -33.38 14.84 -3.38
C LYS E 76 -32.16 15.73 -3.56
N GLY E 78 -29.29 15.83 -6.16
CA GLY E 78 -28.82 15.30 -7.42
C GLY E 78 -29.74 14.15 -7.81
N GLY E 79 -29.37 13.38 -8.84
CA GLY E 79 -30.19 12.26 -9.24
C GLY E 79 -31.38 12.62 -10.13
N THR E 80 -31.93 11.63 -10.80
CA THR E 80 -33.07 11.84 -11.70
C THR E 80 -34.23 10.88 -11.46
N LYS E 81 -34.07 9.96 -10.52
CA LYS E 81 -35.12 8.99 -10.21
C LYS E 81 -35.92 9.39 -9.00
N ASP E 82 -37.19 9.77 -9.22
CA ASP E 82 -38.05 10.18 -8.13
C ASP E 82 -38.82 9.02 -7.52
N ILE E 83 -38.63 8.83 -6.22
CA ILE E 83 -39.33 7.79 -5.47
C ILE E 83 -39.86 8.52 -4.25
N GLY E 84 -41.13 8.31 -3.93
CA GLY E 84 -41.73 8.96 -2.78
C GLY E 84 -42.19 10.37 -3.11
N ARG E 85 -42.70 11.09 -2.11
CA ARG E 85 -43.16 12.45 -2.31
C ARG E 85 -41.99 13.43 -2.21
N VAL E 86 -41.47 13.81 -3.37
CA VAL E 86 -40.35 14.75 -3.41
C VAL E 86 -40.83 16.15 -3.04
N ILE E 87 -40.31 16.67 -1.93
CA ILE E 87 -40.69 17.99 -1.46
C ILE E 87 -39.56 19.00 -1.66
N GLY E 88 -38.50 18.57 -2.34
CA GLY E 88 -37.37 19.46 -2.57
C GLY E 88 -36.24 18.81 -3.34
N ARG E 89 -35.53 19.62 -4.13
CA ARG E 89 -34.42 19.14 -4.92
C ARG E 89 -33.24 20.11 -4.76
N LEU E 90 -32.06 19.55 -4.51
CA LEU E 90 -30.86 20.36 -4.34
C LEU E 90 -29.71 19.91 -5.23
N ASN E 91 -28.95 20.88 -5.72
CA ASN E 91 -27.80 20.58 -6.57
C ASN E 91 -26.60 20.32 -5.67
N ILE E 92 -25.72 19.41 -6.10
CA ILE E 92 -24.51 19.13 -5.35
C ILE E 92 -23.36 19.86 -6.00
N SER E 93 -22.91 20.94 -5.32
CA SER E 93 -21.81 21.71 -5.88
C SER E 93 -20.53 20.89 -5.93
N LYS E 94 -19.64 21.17 -4.97
CA LYS E 94 -18.40 20.41 -4.90
C LYS E 94 -18.52 19.23 -3.95
N TYR E 95 -19.49 18.37 -4.26
CA TYR E 95 -19.73 17.16 -3.47
C TYR E 95 -20.06 17.52 -2.02
N VAL E 96 -20.90 18.55 -1.87
CA VAL E 96 -21.36 19.03 -0.58
C VAL E 96 -22.74 19.64 -0.83
N ILE E 97 -23.49 19.92 0.23
CA ILE E 97 -24.82 20.48 0.06
C ILE E 97 -24.97 21.78 0.84
N SER E 98 -25.58 22.78 0.20
CA SER E 98 -25.79 24.07 0.83
C SER E 98 -26.78 23.94 1.97
N GLU E 99 -26.32 24.24 3.19
CA GLU E 99 -27.17 24.15 4.37
C GLU E 99 -28.29 25.16 4.42
N GLN E 100 -28.07 26.35 3.84
CA GLN E 100 -29.11 27.37 3.83
C GLN E 100 -30.25 26.92 2.92
N GLU E 101 -29.91 26.26 1.81
CA GLU E 101 -30.91 25.78 0.88
C GLU E 101 -31.63 24.56 1.45
N TYR E 102 -30.90 23.74 2.21
CA TYR E 102 -31.50 22.57 2.81
C TYR E 102 -32.55 22.97 3.84
N GLU E 104 -34.15 25.76 3.99
CA GLU E 104 -35.26 26.45 3.36
C GLU E 104 -36.29 25.43 2.88
N ILE E 105 -35.83 24.21 2.63
CA ILE E 105 -36.71 23.14 2.16
C ILE E 105 -37.44 22.48 3.33
N VAL E 106 -36.70 22.18 4.39
CA VAL E 106 -37.27 21.52 5.57
C VAL E 106 -38.18 22.44 6.40
N SER E 107 -38.21 23.72 6.03
CA SER E 107 -39.04 24.68 6.75
C SER E 107 -40.52 24.46 6.43
N GLN E 108 -40.79 23.66 5.39
CA GLN E 108 -42.17 23.38 5.00
C GLN E 108 -42.77 22.24 5.82
N LEU E 109 -41.95 21.60 6.64
CA LEU E 109 -42.40 20.49 7.47
C LEU E 109 -43.08 21.05 8.73
N LYS E 110 -44.24 20.50 9.07
CA LYS E 110 -44.98 21.00 10.23
C LYS E 110 -45.33 19.92 11.24
N ASP E 111 -44.74 18.74 11.11
CA ASP E 111 -45.01 17.64 12.02
C ASP E 111 -43.70 17.05 12.55
N TYR E 112 -43.19 17.60 13.65
CA TYR E 112 -41.94 17.14 14.27
C TYR E 112 -42.19 16.42 15.59
N PRO E 113 -41.28 15.51 15.99
CA PRO E 113 -40.04 15.12 15.31
C PRO E 113 -40.28 14.06 14.22
N VAL E 114 -39.25 13.82 13.40
CA VAL E 114 -39.35 12.84 12.33
C VAL E 114 -38.15 11.90 12.32
N ILE E 115 -38.30 10.76 11.64
CA ILE E 115 -37.20 9.83 11.51
C ILE E 115 -36.63 10.24 10.16
N ASN E 116 -35.33 10.52 10.13
CA ASN E 116 -34.65 11.00 8.93
C ASN E 116 -33.57 10.08 8.36
N PRO E 117 -33.94 9.17 7.43
CA PRO E 117 -32.91 8.29 6.87
C PRO E 117 -32.16 9.07 5.80
N VAL E 118 -30.84 8.97 5.78
CA VAL E 118 -30.03 9.66 4.78
C VAL E 118 -29.30 8.57 3.99
N LEU E 119 -29.61 8.48 2.70
CA LEU E 119 -29.00 7.46 1.87
C LEU E 119 -28.02 8.01 0.84
N GLY E 120 -26.94 7.25 0.60
CA GLY E 120 -25.94 7.63 -0.38
C GLY E 120 -24.81 8.56 0.02
N LEU E 121 -24.56 8.76 1.31
CA LEU E 121 -23.48 9.67 1.70
C LEU E 121 -22.10 9.19 1.21
N HIS E 122 -21.86 7.87 1.24
CA HIS E 122 -20.59 7.34 0.78
C HIS E 122 -20.30 7.67 -0.68
N LYS E 123 -21.33 7.97 -1.46
CA LYS E 123 -21.13 8.31 -2.86
C LYS E 123 -20.52 9.71 -2.99
N LEU E 124 -21.02 10.66 -2.20
CA LEU E 124 -20.47 12.02 -2.23
C LEU E 124 -19.00 11.99 -1.84
N ILE E 125 -18.66 11.09 -0.93
CA ILE E 125 -17.29 10.98 -0.45
C ILE E 125 -16.37 10.33 -1.48
N LEU E 126 -16.86 9.28 -2.12
CA LEU E 126 -16.07 8.58 -3.12
C LEU E 126 -15.69 9.54 -4.25
N LEU E 127 -16.55 10.54 -4.46
CA LEU E 127 -16.37 11.54 -5.50
C LEU E 127 -15.45 12.71 -5.14
N GLY E 128 -15.37 13.04 -3.86
CA GLY E 128 -14.55 14.17 -3.47
C GLY E 128 -13.16 13.87 -2.95
N ASN E 129 -12.35 14.92 -2.85
CA ASN E 129 -11.00 14.78 -2.32
C ASN E 129 -11.07 15.03 -0.82
N THR E 130 -9.93 14.99 -0.16
CA THR E 130 -9.89 15.20 1.29
C THR E 130 -10.60 16.47 1.72
N PHE E 131 -10.32 17.59 1.06
CA PHE E 131 -10.92 18.87 1.40
C PHE E 131 -12.44 18.85 1.28
N GLU E 132 -12.94 18.25 0.21
CA GLU E 132 -14.39 18.17 -0.02
C GLU E 132 -14.99 17.15 0.96
N ASN E 133 -14.23 16.10 1.26
CA ASN E 133 -14.70 15.07 2.19
C ASN E 133 -14.89 15.66 3.59
N ILE E 134 -13.95 16.49 4.02
CA ILE E 134 -14.04 17.13 5.33
C ILE E 134 -15.28 18.01 5.42
N ASN E 135 -15.65 18.65 4.31
CA ASN E 135 -16.84 19.50 4.29
C ASN E 135 -18.10 18.66 4.46
N VAL E 136 -18.08 17.43 3.95
CA VAL E 136 -19.22 16.53 4.06
C VAL E 136 -19.42 16.12 5.52
N VAL E 137 -18.32 15.84 6.21
CA VAL E 137 -18.39 15.46 7.61
C VAL E 137 -18.86 16.68 8.41
N LYS E 138 -18.42 17.87 7.98
CA LYS E 138 -18.81 19.11 8.64
C LYS E 138 -20.32 19.29 8.56
N VAL E 140 -22.48 17.00 8.30
CA VAL E 140 -23.06 16.00 9.18
C VAL E 140 -23.04 16.44 10.65
N SER E 141 -21.92 16.99 11.10
CA SER E 141 -21.84 17.41 12.50
C SER E 141 -22.61 18.69 12.81
N ASN E 142 -23.04 19.42 11.77
CA ASN E 142 -23.81 20.63 12.01
C ASN E 142 -25.26 20.34 12.36
N TYR E 143 -25.69 19.09 12.15
CA TYR E 143 -27.06 18.72 12.44
C TYR E 143 -27.20 17.90 13.71
N VAL E 144 -26.07 17.42 14.23
CA VAL E 144 -26.08 16.63 15.45
C VAL E 144 -26.74 17.45 16.56
N GLY E 145 -27.60 16.81 17.34
CA GLY E 145 -28.26 17.52 18.41
C GLY E 145 -29.62 18.13 18.13
N ARG E 146 -29.95 18.44 16.88
CA ARG E 146 -31.25 19.04 16.62
C ARG E 146 -32.37 18.04 16.83
N GLU E 147 -33.20 18.34 17.82
CA GLU E 147 -34.27 17.45 18.26
C GLU E 147 -35.47 17.33 17.30
N GLU E 148 -35.41 18.03 16.13
CA GLU E 148 -36.50 17.88 15.19
C GLU E 148 -36.53 16.46 14.58
N ARG E 149 -35.40 15.72 14.76
CA ARG E 149 -35.34 14.40 14.15
C ARG E 149 -34.28 13.48 14.76
N ILE E 150 -34.32 12.23 14.31
CA ILE E 150 -33.34 11.21 14.65
C ILE E 150 -32.86 10.83 13.26
N ALA E 151 -31.59 11.11 12.95
CA ALA E 151 -31.06 10.80 11.62
C ALA E 151 -30.31 9.48 11.58
N PHE E 152 -30.56 8.74 10.49
CA PHE E 152 -29.93 7.44 10.25
C PHE E 152 -29.14 7.53 8.94
N TYR E 153 -27.82 7.66 9.05
CA TYR E 153 -26.98 7.74 7.87
C TYR E 153 -26.52 6.35 7.42
N PHE E 154 -27.15 5.83 6.37
CA PHE E 154 -26.79 4.52 5.84
C PHE E 154 -25.56 4.72 4.96
N VAL E 155 -24.44 4.11 5.34
CA VAL E 155 -23.24 4.26 4.53
C VAL E 155 -22.54 2.93 4.25
N ASN E 156 -22.12 2.76 3.00
CA ASN E 156 -21.40 1.55 2.63
C ASN E 156 -20.03 1.79 3.24
N ARG E 157 -19.76 1.11 4.35
CA ARG E 157 -18.51 1.25 5.07
C ARG E 157 -17.23 1.06 4.25
N ASN E 158 -17.17 0.01 3.44
CA ASN E 158 -15.97 -0.27 2.64
C ASN E 158 -15.67 0.80 1.60
N VAL E 159 -16.71 1.35 1.00
CA VAL E 159 -16.51 2.38 0.00
C VAL E 159 -15.75 3.55 0.62
N ILE E 160 -16.20 4.03 1.78
CA ILE E 160 -15.54 5.15 2.44
C ILE E 160 -14.14 4.80 2.97
N GLU E 161 -14.03 3.66 3.64
CA GLU E 161 -12.77 3.23 4.20
C GLU E 161 -11.66 3.08 3.18
N LYS E 162 -11.97 2.48 2.04
CA LYS E 162 -10.97 2.30 1.01
C LYS E 162 -10.64 3.62 0.31
N HIS E 163 -11.63 4.49 0.15
CA HIS E 163 -11.41 5.77 -0.49
C HIS E 163 -10.64 6.73 0.42
N SER E 164 -11.05 6.82 1.68
CA SER E 164 -10.41 7.69 2.64
C SER E 164 -10.70 7.26 4.06
N SER E 165 -9.82 6.44 4.61
CA SER E 165 -9.96 5.93 5.96
C SER E 165 -10.09 7.05 7.01
N PRO E 166 -9.30 8.13 6.89
CA PRO E 166 -9.42 9.20 7.88
C PRO E 166 -10.84 9.74 7.95
N ILE E 167 -11.50 9.85 6.81
CA ILE E 167 -12.86 10.35 6.75
C ILE E 167 -13.86 9.48 7.51
N LEU E 168 -13.69 8.16 7.44
CA LEU E 168 -14.59 7.26 8.16
C LEU E 168 -14.40 7.47 9.66
N ASP E 169 -13.15 7.60 10.10
CA ASP E 169 -12.87 7.81 11.51
C ASP E 169 -13.48 9.10 12.01
N LEU E 170 -13.40 10.16 11.20
CA LEU E 170 -13.99 11.44 11.60
C LEU E 170 -15.50 11.27 11.70
N LEU E 171 -16.09 10.64 10.68
CA LEU E 171 -17.53 10.40 10.67
C LEU E 171 -18.00 9.69 11.94
N GLU E 172 -17.30 8.62 12.31
CA GLU E 172 -17.69 7.87 13.50
C GLU E 172 -17.56 8.73 14.75
N GLU E 173 -16.65 9.70 14.70
CA GLU E 173 -16.41 10.59 15.84
C GLU E 173 -17.50 11.62 16.08
N VAL E 174 -18.06 12.17 14.99
CA VAL E 174 -19.08 13.21 15.12
C VAL E 174 -20.50 12.70 15.40
N VAL E 175 -20.77 11.45 15.07
CA VAL E 175 -22.10 10.90 15.32
C VAL E 175 -22.22 10.46 16.78
N THR E 176 -23.45 10.29 17.25
CA THR E 176 -23.71 9.90 18.63
C THR E 176 -23.89 8.39 18.79
N SER E 177 -24.28 7.73 17.71
CA SER E 177 -24.48 6.29 17.72
C SER E 177 -23.97 5.70 16.42
N ILE E 178 -23.49 4.47 16.52
CA ILE E 178 -22.97 3.77 15.36
C ILE E 178 -23.45 2.34 15.38
N LEU E 179 -24.05 1.92 14.27
CA LEU E 179 -24.54 0.57 14.13
C LEU E 179 -23.82 -0.03 12.95
N GLU E 180 -23.53 -1.32 13.04
CA GLU E 180 -22.88 -1.99 11.92
C GLU E 180 -23.60 -3.30 11.64
N ILE E 181 -24.10 -3.43 10.42
CA ILE E 181 -24.81 -4.63 10.02
C ILE E 181 -23.83 -5.75 9.69
N THR E 182 -23.97 -6.88 10.39
CA THR E 182 -23.13 -8.06 10.16
C THR E 182 -24.05 -9.23 9.88
N ASP E 183 -23.47 -10.39 9.57
CA ASP E 183 -24.27 -11.58 9.28
C ASP E 183 -24.99 -12.15 10.50
N SER E 184 -24.44 -11.91 11.69
CA SER E 184 -25.06 -12.42 12.91
C SER E 184 -26.08 -11.46 13.52
N GLY E 185 -26.07 -10.20 13.06
CA GLY E 185 -27.00 -9.21 13.56
C GLY E 185 -26.40 -7.81 13.48
N ILE E 186 -27.00 -6.84 14.16
CA ILE E 186 -26.48 -5.48 14.13
C ILE E 186 -25.68 -5.18 15.40
N ILE E 187 -24.42 -4.82 15.22
CA ILE E 187 -23.60 -4.50 16.38
C ILE E 187 -23.68 -3.02 16.70
N ILE E 188 -23.83 -2.73 17.99
CA ILE E 188 -23.90 -1.36 18.47
C ILE E 188 -22.46 -0.97 18.83
N LYS E 189 -21.73 -0.39 17.88
CA LYS E 189 -20.36 0.00 18.11
C LYS E 189 -20.22 1.19 19.05
N LYS E 190 -21.23 2.05 19.05
CA LYS E 190 -21.21 3.24 19.91
C LYS E 190 -22.63 3.69 20.23
N SER E 191 -22.82 4.12 21.47
CA SER E 191 -24.14 4.57 21.89
C SER E 191 -24.05 5.56 23.06
N ILE E 192 -25.06 6.43 23.14
CA ILE E 192 -25.14 7.31 24.29
C ILE E 192 -25.39 6.50 25.58
N LYS E 193 -26.12 5.39 25.38
CA LYS E 193 -26.38 4.47 26.48
C LYS E 193 -25.16 3.60 26.77
N ASP E 194 -24.58 3.78 27.95
CA ASP E 194 -23.43 2.99 28.35
C ASP E 194 -23.83 1.52 28.50
N GLU E 195 -22.83 0.64 28.41
CA GLU E 195 -23.01 -0.81 28.59
C GLU E 195 -23.51 -1.56 27.33
N ILE E 196 -24.45 -0.95 26.57
CA ILE E 196 -24.95 -1.66 25.37
C ILE E 196 -23.92 -1.62 24.24
N ALA E 197 -22.85 -0.84 24.46
CA ALA E 197 -21.81 -0.78 23.46
C ALA E 197 -21.12 -2.13 23.33
N GLY E 198 -21.03 -2.63 22.10
CA GLY E 198 -20.42 -3.92 21.88
C GLY E 198 -21.48 -5.01 21.76
N LYS E 199 -22.70 -4.71 22.20
CA LYS E 199 -23.80 -5.65 22.13
C LYS E 199 -24.35 -5.77 20.71
N ILE E 200 -24.91 -6.93 20.40
CA ILE E 200 -25.47 -7.20 19.08
C ILE E 200 -26.97 -7.49 19.18
N VAL E 201 -27.76 -6.85 18.32
CA VAL E 201 -29.19 -7.08 18.32
C VAL E 201 -29.67 -7.56 16.94
N SER E 202 -30.84 -8.20 16.93
CA SER E 202 -31.41 -8.71 15.69
C SER E 202 -32.88 -8.27 15.60
N PRO E 203 -33.11 -6.98 15.39
CA PRO E 203 -34.47 -6.45 15.28
C PRO E 203 -35.32 -7.01 14.14
N LEU E 204 -34.68 -7.47 13.07
CA LEU E 204 -35.42 -8.03 11.93
C LEU E 204 -35.80 -9.49 12.12
N LEU E 205 -35.62 -10.01 13.33
CA LEU E 205 -35.94 -11.39 13.62
C LEU E 205 -37.42 -11.54 13.98
N ASN F 4 -11.34 11.73 41.37
CA ASN F 4 -11.82 13.01 40.87
C ASN F 4 -10.66 13.69 40.17
N SER F 5 -10.97 14.67 39.32
CA SER F 5 -9.95 15.38 38.55
C SER F 5 -8.68 15.70 39.31
N GLU F 6 -8.82 16.21 40.53
CA GLU F 6 -7.68 16.58 41.36
C GLU F 6 -6.60 15.49 41.36
N LYS F 7 -6.99 14.24 41.61
CA LYS F 7 -6.04 13.14 41.63
C LYS F 7 -5.50 12.84 40.23
N PHE F 8 -6.39 12.86 39.25
CA PHE F 8 -6.02 12.60 37.86
C PHE F 8 -4.92 13.56 37.38
N PHE F 9 -5.12 14.85 37.61
CA PHE F 9 -4.14 15.85 37.19
C PHE F 9 -2.78 15.66 37.87
N LYS F 10 -2.79 15.00 39.03
CA LYS F 10 -1.57 14.75 39.80
C LYS F 10 -0.64 13.74 39.09
N LEU F 11 -1.20 13.04 38.07
CA LEU F 11 -0.35 12.16 37.26
C LEU F 11 0.62 12.96 36.39
N PHE F 12 0.26 14.25 36.19
CA PHE F 12 1.06 15.11 35.35
C PHE F 12 1.64 16.30 36.14
N ARG F 13 2.70 16.90 35.62
CA ARG F 13 3.29 18.07 36.27
C ARG F 13 3.24 19.27 35.33
N VAL F 14 3.23 20.46 35.91
CA VAL F 14 3.18 21.68 35.12
C VAL F 14 4.23 21.71 34.04
N GLY F 15 3.85 22.22 32.87
CA GLY F 15 4.76 22.32 31.76
C GLY F 15 4.66 21.13 30.81
N GLU F 16 3.94 20.08 31.23
CA GLU F 16 3.80 18.90 30.38
C GLU F 16 2.84 19.11 29.22
N THR F 17 3.09 18.36 28.15
CA THR F 17 2.21 18.35 27.00
C THR F 17 1.78 16.90 26.93
N VAL F 18 0.50 16.66 27.13
CA VAL F 18 -0.05 15.32 27.14
C VAL F 18 -0.88 15.05 25.89
N LEU F 19 -0.49 14.02 25.16
CA LEU F 19 -1.23 13.65 23.96
C LEU F 19 -2.31 12.67 24.40
N VAL F 20 -3.56 12.98 24.08
CA VAL F 20 -4.69 12.12 24.41
C VAL F 20 -5.21 11.53 23.10
N GLU F 21 -4.84 10.27 22.84
CA GLU F 21 -5.24 9.60 21.62
C GLU F 21 -6.58 8.88 21.78
N TYR F 22 -7.46 9.09 20.81
CA TYR F 22 -8.77 8.45 20.85
C TYR F 22 -9.22 8.07 19.45
N SER F 23 -10.39 7.44 19.35
CA SER F 23 -10.96 7.05 18.05
C SER F 23 -12.43 7.48 18.03
N GLY F 24 -13.07 7.36 16.87
CA GLY F 24 -14.47 7.72 16.76
C GLY F 24 -15.40 6.99 17.71
N THR F 25 -15.04 5.78 18.14
CA THR F 25 -15.88 5.02 19.06
C THR F 25 -15.47 5.21 20.53
N SER F 26 -14.48 6.07 20.79
CA SER F 26 -14.00 6.30 22.15
C SER F 26 -14.93 7.17 23.00
N ARG F 27 -15.68 8.06 22.36
CA ARG F 27 -16.54 8.98 23.08
C ARG F 27 -15.63 9.82 23.97
N ALA F 28 -14.55 10.31 23.38
CA ALA F 28 -13.56 11.14 24.08
C ALA F 28 -14.16 12.35 24.77
N GLU F 29 -15.33 12.79 24.33
CA GLU F 29 -15.97 13.94 24.95
C GLU F 29 -16.20 13.70 26.45
N LEU F 30 -16.44 12.44 26.83
CA LEU F 30 -16.67 12.10 28.24
C LEU F 30 -15.45 12.45 29.10
N LEU F 31 -14.26 12.20 28.56
CA LEU F 31 -13.02 12.49 29.29
C LEU F 31 -12.82 14.00 29.37
N LEU F 32 -13.25 14.69 28.31
CA LEU F 32 -13.13 16.14 28.28
C LEU F 32 -14.04 16.72 29.35
N TYR F 33 -15.28 16.23 29.39
CA TYR F 33 -16.24 16.72 30.38
C TYR F 33 -15.66 16.52 31.78
N TYR F 34 -15.08 15.34 31.99
CA TYR F 34 -14.48 14.99 33.27
C TYR F 34 -13.39 16.00 33.66
N ILE F 35 -12.57 16.38 32.70
CA ILE F 35 -11.49 17.33 32.95
C ILE F 35 -12.00 18.75 33.24
N VAL F 36 -13.05 19.17 32.54
CA VAL F 36 -13.59 20.53 32.73
C VAL F 36 -14.47 20.64 34.00
N ASN F 37 -15.51 19.76 34.06
CA ASN F 37 -16.40 19.78 35.23
C ASN F 37 -15.57 19.72 36.51
N ASN F 38 -14.79 18.61 36.61
CA ASN F 38 -13.84 18.36 37.68
C ASN F 38 -12.61 19.26 37.52
N SER F 39 -12.43 20.34 38.29
CA SER F 39 -11.20 21.11 38.14
C SER F 39 -11.14 22.28 39.15
N LYS F 40 -10.19 22.17 40.08
CA LYS F 40 -9.95 23.29 40.99
C LYS F 40 -9.15 24.41 40.29
N LEU F 41 -8.40 23.99 39.25
CA LEU F 41 -7.59 24.94 38.48
C LEU F 41 -8.39 25.55 37.33
N PRO F 42 -7.98 26.74 36.89
CA PRO F 42 -8.66 27.43 35.79
C PRO F 42 -8.53 26.61 34.49
N ILE F 43 -9.63 26.48 33.76
CA ILE F 43 -9.65 25.74 32.49
C ILE F 43 -9.63 26.67 31.29
N VAL F 44 -8.74 26.41 30.34
CA VAL F 44 -8.67 27.19 29.12
C VAL F 44 -8.60 26.21 27.94
N VAL F 45 -9.58 26.29 27.06
CA VAL F 45 -9.66 25.42 25.91
C VAL F 45 -9.19 26.09 24.62
N ASP F 46 -8.32 25.40 23.88
CA ASP F 46 -7.87 25.90 22.59
C ASP F 46 -8.74 25.14 21.60
N ASP F 47 -9.71 25.86 21.02
CA ASP F 47 -10.67 25.27 20.09
C ASP F 47 -10.27 25.44 18.63
N ILE F 48 -9.77 24.35 18.04
CA ILE F 48 -9.35 24.37 16.64
C ILE F 48 -10.49 23.92 15.73
N LEU F 49 -10.82 24.76 14.77
CA LEU F 49 -11.85 24.49 13.78
C LEU F 49 -13.18 23.97 14.34
N ASP F 50 -13.72 24.68 15.32
CA ASP F 50 -15.00 24.32 15.94
C ASP F 50 -15.14 22.91 16.52
N THR F 51 -14.03 22.31 16.93
CA THR F 51 -14.09 20.98 17.50
C THR F 51 -14.77 21.01 18.87
N TYR F 52 -14.62 22.11 19.60
CA TYR F 52 -15.24 22.23 20.92
C TYR F 52 -16.75 22.16 20.77
N TYR F 53 -17.28 22.83 19.76
CA TYR F 53 -18.72 22.80 19.50
C TYR F 53 -19.19 21.36 19.31
N GLU F 54 -18.42 20.55 18.58
CA GLU F 54 -18.78 19.15 18.32
C GLU F 54 -18.79 18.33 19.62
N PHE F 55 -17.78 18.54 20.47
CA PHE F 55 -17.71 17.81 21.75
C PHE F 55 -18.89 18.25 22.62
N TYR F 56 -19.14 19.55 22.63
CA TYR F 56 -20.23 20.14 23.41
C TYR F 56 -21.58 19.57 23.00
N THR F 57 -21.85 19.56 21.70
CA THR F 57 -23.11 19.05 21.16
C THR F 57 -23.37 17.59 21.51
N ARG F 58 -22.34 16.75 21.42
CA ARG F 58 -22.49 15.33 21.71
C ARG F 58 -22.81 15.12 23.18
N LEU F 59 -22.16 15.91 24.05
CA LEU F 59 -22.39 15.81 25.48
C LEU F 59 -23.80 16.29 25.80
N LYS F 60 -24.21 17.36 25.12
CA LYS F 60 -25.55 17.94 25.32
C LYS F 60 -26.63 16.95 24.96
N VAL F 61 -26.53 16.32 23.80
CA VAL F 61 -27.55 15.34 23.40
C VAL F 61 -27.50 14.12 24.33
N ALA F 62 -26.33 13.87 24.90
CA ALA F 62 -26.14 12.74 25.82
C ALA F 62 -26.82 12.98 27.16
N GLY F 63 -27.25 14.22 27.41
CA GLY F 63 -27.92 14.56 28.65
C GLY F 63 -27.06 15.20 29.72
N PHE F 64 -25.81 15.50 29.41
CA PHE F 64 -24.93 16.11 30.39
C PHE F 64 -25.29 17.58 30.62
N ASP F 65 -24.95 18.09 31.79
CA ASP F 65 -25.18 19.50 32.08
C ASP F 65 -23.94 20.16 31.47
N VAL F 66 -24.14 20.91 30.39
CA VAL F 66 -23.04 21.55 29.70
C VAL F 66 -22.75 23.00 30.08
N ALA F 67 -23.26 23.44 31.23
CA ALA F 67 -22.99 24.80 31.67
C ALA F 67 -21.49 24.95 31.97
N PRO F 68 -20.88 23.94 32.60
CA PRO F 68 -19.44 24.02 32.92
C PRO F 68 -18.60 24.24 31.65
N LEU F 69 -19.09 23.74 30.51
CA LEU F 69 -18.35 23.91 29.26
C LEU F 69 -18.60 25.29 28.66
N GLU F 70 -19.75 25.88 29.00
CA GLU F 70 -20.10 27.20 28.49
C GLU F 70 -19.39 28.32 29.24
N ASN F 71 -18.99 28.06 30.46
CA ASN F 71 -18.36 29.09 31.28
C ASN F 71 -16.83 29.08 31.38
N VAL F 72 -16.17 28.23 30.61
CA VAL F 72 -14.70 28.21 30.65
C VAL F 72 -14.20 29.17 29.59
N GLN F 73 -12.94 29.58 29.71
CA GLN F 73 -12.35 30.50 28.74
C GLN F 73 -11.89 29.71 27.52
N VAL F 74 -12.04 30.31 26.34
CA VAL F 74 -11.68 29.64 25.10
C VAL F 74 -10.88 30.51 24.13
N ILE F 75 -9.87 29.89 23.51
CA ILE F 75 -9.05 30.56 22.50
C ILE F 75 -9.38 29.83 21.21
N LYS F 76 -10.12 30.48 20.32
CA LYS F 76 -10.51 29.86 19.06
C LYS F 76 -9.44 29.99 17.99
N GLY F 78 -9.61 29.49 14.31
CA GLY F 78 -10.46 29.25 13.16
C GLY F 78 -11.83 28.91 13.74
N GLY F 79 -12.76 28.48 12.90
CA GLY F 79 -14.07 28.12 13.40
C GLY F 79 -15.12 29.20 13.27
N THR F 80 -16.38 28.79 13.42
CA THR F 80 -17.54 29.67 13.31
C THR F 80 -18.48 29.54 14.52
N LYS F 81 -18.40 28.40 15.22
CA LYS F 81 -19.26 28.16 16.37
C LYS F 81 -18.64 28.58 17.70
N ASP F 82 -19.25 29.59 18.31
CA ASP F 82 -18.80 30.12 19.58
C ASP F 82 -19.39 29.38 20.78
N ILE F 83 -18.53 28.66 21.50
CA ILE F 83 -18.93 27.93 22.70
C ILE F 83 -17.96 28.33 23.80
N GLY F 84 -18.48 28.72 24.95
CA GLY F 84 -17.65 29.13 26.06
C GLY F 84 -17.32 30.62 25.98
N ARG F 85 -16.49 31.10 26.90
CA ARG F 85 -16.11 32.51 26.92
C ARG F 85 -14.88 32.73 26.04
N VAL F 86 -15.11 33.18 24.81
CA VAL F 86 -13.99 33.40 23.91
C VAL F 86 -13.15 34.62 24.33
N ILE F 87 -11.87 34.34 24.68
CA ILE F 87 -11.00 35.44 25.06
C ILE F 87 -10.03 35.83 23.93
N GLY F 88 -10.12 35.07 22.82
CA GLY F 88 -9.23 35.36 21.71
C GLY F 88 -9.56 34.51 20.47
N ARG F 89 -9.19 35.05 19.31
CA ARG F 89 -9.40 34.37 18.04
C ARG F 89 -8.09 34.43 17.27
N LEU F 90 -7.58 33.27 16.90
CA LEU F 90 -6.31 33.21 16.16
C LEU F 90 -6.53 32.76 14.73
N ASN F 91 -5.72 33.32 13.84
CA ASN F 91 -5.81 32.98 12.42
C ASN F 91 -4.97 31.76 12.08
N ILE F 92 -5.50 30.93 11.17
CA ILE F 92 -4.81 29.74 10.73
C ILE F 92 -4.30 29.90 9.31
N SER F 93 -2.98 30.06 9.17
CA SER F 93 -2.36 30.22 7.86
C SER F 93 -1.42 29.05 7.60
N LYS F 94 -1.63 28.37 6.48
CA LYS F 94 -0.82 27.21 6.11
C LYS F 94 -1.04 26.10 7.14
N TYR F 95 -2.24 26.06 7.71
CA TYR F 95 -2.62 25.06 8.69
C TYR F 95 -1.78 25.12 9.95
N VAL F 96 -1.45 26.34 10.38
CA VAL F 96 -0.66 26.54 11.59
C VAL F 96 -0.99 27.90 12.20
N ILE F 97 -0.61 28.09 13.46
CA ILE F 97 -0.87 29.34 14.16
C ILE F 97 0.43 30.06 14.51
N SER F 98 0.39 31.39 14.42
CA SER F 98 1.54 32.21 14.74
C SER F 98 1.77 32.11 16.24
N GLU F 99 3.03 31.94 16.64
CA GLU F 99 3.34 31.83 18.06
C GLU F 99 3.49 33.20 18.71
N GLN F 100 3.58 34.24 17.90
CA GLN F 100 3.72 35.61 18.42
C GLN F 100 2.36 36.17 18.85
N GLU F 101 1.30 35.73 18.17
CA GLU F 101 -0.04 36.21 18.48
C GLU F 101 -0.64 35.46 19.67
N TYR F 102 -0.29 34.18 19.79
CA TYR F 102 -0.79 33.34 20.89
C TYR F 102 -0.40 33.94 22.24
N GLU F 104 0.26 36.87 22.97
CA GLU F 104 -0.44 38.12 23.20
C GLU F 104 -1.83 37.87 23.78
N ILE F 105 -2.45 36.75 23.40
CA ILE F 105 -3.77 36.40 23.89
C ILE F 105 -3.75 35.84 25.31
N VAL F 106 -2.73 35.08 25.66
CA VAL F 106 -2.64 34.50 26.99
C VAL F 106 -2.00 35.46 28.00
N SER F 107 -1.63 36.65 27.52
CA SER F 107 -1.02 37.64 28.40
C SER F 107 -2.07 38.13 29.38
N GLN F 108 -3.33 38.08 28.95
CA GLN F 108 -4.44 38.52 29.79
C GLN F 108 -4.76 37.50 30.89
N LEU F 109 -4.21 36.31 30.76
CA LEU F 109 -4.45 35.26 31.75
C LEU F 109 -3.62 35.53 33.02
N LYS F 110 -4.32 35.72 34.13
CA LYS F 110 -3.68 35.99 35.41
C LYS F 110 -3.44 34.74 36.25
N ASP F 111 -4.36 33.78 36.15
CA ASP F 111 -4.26 32.53 36.90
C ASP F 111 -3.33 31.50 36.28
N TYR F 112 -2.36 31.03 37.07
CA TYR F 112 -1.40 30.03 36.62
C TYR F 112 -1.21 29.07 37.79
N PRO F 113 -1.16 27.76 37.52
CA PRO F 113 -1.24 27.08 36.22
C PRO F 113 -2.68 26.80 35.81
N VAL F 114 -2.88 26.55 34.51
CA VAL F 114 -4.21 26.25 34.00
C VAL F 114 -4.22 24.90 33.30
N ILE F 115 -5.37 24.23 33.31
CA ILE F 115 -5.51 22.95 32.61
C ILE F 115 -5.89 23.43 31.22
N ASN F 116 -5.13 23.00 30.23
CA ASN F 116 -5.31 23.45 28.85
C ASN F 116 -5.67 22.38 27.82
N PRO F 117 -6.96 22.08 27.66
CA PRO F 117 -7.34 21.06 26.68
C PRO F 117 -7.29 21.67 25.28
N VAL F 118 -6.58 21.03 24.38
CA VAL F 118 -6.46 21.49 22.99
C VAL F 118 -7.22 20.49 22.14
N LEU F 119 -8.25 20.96 21.43
CA LEU F 119 -9.08 20.08 20.63
C LEU F 119 -9.00 20.34 19.12
N GLY F 120 -9.05 19.26 18.35
CA GLY F 120 -9.04 19.35 16.90
C GLY F 120 -7.73 19.39 16.14
N LEU F 121 -6.60 19.08 16.79
CA LEU F 121 -5.31 19.12 16.10
C LEU F 121 -5.23 18.23 14.84
N HIS F 122 -5.83 17.04 14.91
CA HIS F 122 -5.81 16.12 13.77
C HIS F 122 -6.40 16.75 12.50
N LYS F 123 -7.28 17.73 12.65
CA LYS F 123 -7.88 18.38 11.49
C LYS F 123 -6.84 19.20 10.73
N LEU F 124 -6.00 19.93 11.46
CA LEU F 124 -4.95 20.75 10.84
C LEU F 124 -4.00 19.85 10.06
N ILE F 125 -3.76 18.67 10.60
CA ILE F 125 -2.86 17.72 10.00
C ILE F 125 -3.49 17.06 8.78
N LEU F 126 -4.76 16.68 8.89
CA LEU F 126 -5.46 16.04 7.77
C LEU F 126 -5.50 16.97 6.57
N LEU F 127 -5.62 18.28 6.83
CA LEU F 127 -5.69 19.28 5.77
C LEU F 127 -4.38 19.66 5.10
N GLY F 128 -3.25 19.46 5.79
CA GLY F 128 -1.98 19.84 5.20
C GLY F 128 -1.10 18.75 4.66
N ASN F 129 -0.09 19.16 3.90
CA ASN F 129 0.87 18.22 3.35
C ASN F 129 1.96 17.95 4.39
N THR F 130 2.99 17.20 4.02
CA THR F 130 4.05 16.87 4.96
C THR F 130 4.72 18.09 5.56
N PHE F 131 5.03 19.08 4.73
CA PHE F 131 5.69 20.30 5.18
C PHE F 131 4.85 21.08 6.17
N GLU F 132 3.54 21.20 5.91
CA GLU F 132 2.65 21.92 6.80
C GLU F 132 2.42 21.11 8.08
N ASN F 133 2.42 19.79 7.96
CA ASN F 133 2.25 18.91 9.12
C ASN F 133 3.41 19.12 10.09
N ILE F 134 4.62 19.14 9.55
CA ILE F 134 5.80 19.35 10.37
C ILE F 134 5.68 20.69 11.14
N ASN F 135 5.11 21.70 10.51
CA ASN F 135 4.95 22.99 11.19
C ASN F 135 3.94 22.85 12.32
N VAL F 136 2.94 22.01 12.13
CA VAL F 136 1.93 21.79 13.17
C VAL F 136 2.63 21.15 14.37
N VAL F 137 3.48 20.16 14.10
CA VAL F 137 4.19 19.49 15.18
C VAL F 137 5.10 20.48 15.91
N LYS F 138 5.77 21.37 15.17
CA LYS F 138 6.66 22.36 15.80
C LYS F 138 5.83 23.23 16.72
N VAL F 140 3.40 22.32 18.43
CA VAL F 140 3.20 21.59 19.67
C VAL F 140 4.47 21.55 20.52
N SER F 141 5.61 21.29 19.89
CA SER F 141 6.84 21.21 20.66
C SER F 141 7.34 22.55 21.20
N ASN F 142 6.94 23.66 20.58
CA ASN F 142 7.38 24.97 21.05
C ASN F 142 6.84 25.36 22.42
N TYR F 143 5.74 24.76 22.84
CA TYR F 143 5.15 25.09 24.13
C TYR F 143 5.39 24.03 25.21
N VAL F 144 6.09 22.97 24.85
CA VAL F 144 6.40 21.92 25.81
C VAL F 144 7.33 22.53 26.86
N GLY F 145 6.91 22.49 28.12
CA GLY F 145 7.74 23.04 29.16
C GLY F 145 7.29 24.35 29.80
N ARG F 146 6.32 25.05 29.23
CA ARG F 146 5.89 26.30 29.87
C ARG F 146 5.00 25.92 31.04
N GLU F 147 5.48 26.25 32.22
CA GLU F 147 4.83 25.94 33.47
C GLU F 147 3.50 26.62 33.76
N GLU F 148 3.08 27.54 32.91
CA GLU F 148 1.79 28.19 33.16
C GLU F 148 0.63 27.23 32.94
N ARG F 149 0.89 26.08 32.33
CA ARG F 149 -0.19 25.13 32.09
C ARG F 149 0.24 23.69 31.88
N ILE F 150 -0.77 22.82 31.78
CA ILE F 150 -0.61 21.40 31.49
C ILE F 150 -1.57 21.27 30.31
N ALA F 151 -1.03 21.01 29.12
CA ALA F 151 -1.85 20.89 27.92
C ALA F 151 -2.24 19.43 27.63
N PHE F 152 -3.49 19.24 27.22
CA PHE F 152 -4.01 17.93 26.87
C PHE F 152 -4.49 18.01 25.43
N TYR F 153 -3.70 17.48 24.50
CA TYR F 153 -4.09 17.50 23.09
C TYR F 153 -4.92 16.26 22.75
N PHE F 154 -6.22 16.46 22.56
CA PHE F 154 -7.12 15.37 22.20
C PHE F 154 -7.01 15.17 20.70
N VAL F 155 -6.46 14.05 20.27
CA VAL F 155 -6.33 13.79 18.84
C VAL F 155 -6.92 12.45 18.44
N ASN F 156 -7.60 12.44 17.29
CA ASN F 156 -8.16 11.21 16.76
C ASN F 156 -6.96 10.56 16.07
N ARG F 157 -6.38 9.58 16.77
CA ARG F 157 -5.20 8.85 16.31
C ARG F 157 -5.23 8.30 14.89
N ASN F 158 -6.29 7.59 14.54
CA ASN F 158 -6.44 7.00 13.21
C ASN F 158 -6.41 8.03 12.09
N VAL F 159 -7.00 9.19 12.33
CA VAL F 159 -7.01 10.24 11.34
C VAL F 159 -5.58 10.68 11.02
N ILE F 160 -4.75 10.84 12.05
CA ILE F 160 -3.37 11.26 11.82
C ILE F 160 -2.55 10.09 11.27
N GLU F 161 -2.70 8.92 11.90
CA GLU F 161 -2.00 7.72 11.49
C GLU F 161 -2.21 7.37 10.01
N LYS F 162 -3.46 7.37 9.58
CA LYS F 162 -3.79 7.03 8.19
C LYS F 162 -3.46 8.14 7.18
N HIS F 163 -3.39 9.38 7.64
CA HIS F 163 -3.06 10.49 6.75
C HIS F 163 -1.54 10.53 6.56
N SER F 164 -0.81 10.45 7.67
CA SER F 164 0.64 10.45 7.66
C SER F 164 1.22 9.80 8.91
N SER F 165 1.53 8.52 8.80
CA SER F 165 2.07 7.77 9.91
C SER F 165 3.33 8.42 10.51
N PRO F 166 4.22 8.97 9.66
CA PRO F 166 5.43 9.62 10.20
C PRO F 166 5.08 10.76 11.15
N ILE F 167 4.09 11.56 10.77
CA ILE F 167 3.66 12.69 11.58
C ILE F 167 3.20 12.26 12.98
N LEU F 168 2.49 11.15 13.05
CA LEU F 168 2.03 10.66 14.34
C LEU F 168 3.24 10.35 15.24
N ASP F 169 4.22 9.65 14.67
CA ASP F 169 5.42 9.30 15.42
C ASP F 169 6.18 10.54 15.90
N LEU F 170 6.21 11.58 15.06
CA LEU F 170 6.89 12.81 15.42
C LEU F 170 6.15 13.47 16.58
N LEU F 171 4.82 13.45 16.51
CA LEU F 171 3.97 14.04 17.54
C LEU F 171 4.15 13.35 18.88
N GLU F 172 4.15 12.02 18.86
CA GLU F 172 4.31 11.25 20.09
C GLU F 172 5.69 11.48 20.68
N GLU F 173 6.65 11.83 19.83
CA GLU F 173 8.01 12.09 20.28
C GLU F 173 8.16 13.40 21.07
N VAL F 174 7.56 14.47 20.57
CA VAL F 174 7.69 15.77 21.22
C VAL F 174 6.90 15.99 22.50
N VAL F 175 5.86 15.19 22.73
CA VAL F 175 5.08 15.36 23.95
C VAL F 175 5.76 14.65 25.13
N THR F 176 5.37 15.04 26.35
CA THR F 176 5.95 14.44 27.56
C THR F 176 5.19 13.21 28.07
N SER F 177 3.91 13.12 27.76
CA SER F 177 3.09 11.98 28.17
C SER F 177 2.08 11.64 27.10
N ILE F 178 1.76 10.36 26.99
CA ILE F 178 0.79 9.91 26.01
C ILE F 178 -0.24 9.02 26.66
N LEU F 179 -1.51 9.35 26.46
CA LEU F 179 -2.61 8.57 26.99
C LEU F 179 -3.40 8.03 25.81
N GLU F 180 -3.84 6.78 25.91
CA GLU F 180 -4.63 6.20 24.84
C GLU F 180 -5.93 5.67 25.43
N ILE F 181 -7.04 6.20 24.94
CA ILE F 181 -8.34 5.76 25.42
C ILE F 181 -8.78 4.46 24.77
N THR F 182 -9.13 3.47 25.60
CA THR F 182 -9.60 2.18 25.09
C THR F 182 -10.85 1.82 25.89
N ASP F 183 -11.52 0.74 25.49
CA ASP F 183 -12.73 0.31 26.18
C ASP F 183 -12.52 -0.12 27.62
N SER F 184 -11.35 -0.69 27.93
CA SER F 184 -11.08 -1.15 29.29
C SER F 184 -10.45 -0.05 30.14
N GLY F 185 -10.21 1.11 29.53
CA GLY F 185 -9.62 2.21 30.28
C GLY F 185 -8.60 3.01 29.51
N ILE F 186 -7.92 3.91 30.21
CA ILE F 186 -6.91 4.76 29.60
C ILE F 186 -5.51 4.19 29.78
N ILE F 187 -4.83 3.91 28.67
CA ILE F 187 -3.48 3.38 28.75
C ILE F 187 -2.48 4.52 28.76
N ILE F 188 -1.51 4.43 29.66
CA ILE F 188 -0.47 5.43 29.75
C ILE F 188 0.71 4.88 28.96
N LYS F 189 0.74 5.17 27.66
CA LYS F 189 1.79 4.71 26.77
C LYS F 189 3.15 5.34 27.07
N LYS F 190 3.15 6.57 27.59
CA LYS F 190 4.40 7.25 27.90
C LYS F 190 4.18 8.19 29.06
N SER F 191 5.23 8.38 29.86
CA SER F 191 5.11 9.27 31.00
C SER F 191 6.48 9.69 31.54
N ILE F 192 6.50 10.88 32.20
CA ILE F 192 7.72 11.31 32.87
C ILE F 192 7.97 10.48 34.13
N LYS F 193 6.86 10.02 34.72
CA LYS F 193 6.93 9.21 35.94
C LYS F 193 6.92 7.72 35.61
N ASP F 194 8.11 7.14 35.57
CA ASP F 194 8.30 5.73 35.27
C ASP F 194 7.36 4.78 36.04
N GLU F 195 6.97 5.20 37.24
CA GLU F 195 6.09 4.43 38.10
C GLU F 195 4.72 4.14 37.47
N ILE F 196 4.23 5.07 36.66
CA ILE F 196 2.92 4.92 36.03
C ILE F 196 2.95 4.46 34.57
N ALA F 197 4.11 4.56 33.93
CA ALA F 197 4.23 4.17 32.53
C ALA F 197 3.78 2.74 32.28
N GLY F 198 2.96 2.55 31.25
CA GLY F 198 2.48 1.22 30.90
C GLY F 198 1.25 0.80 31.68
N LYS F 199 0.89 1.58 32.70
CA LYS F 199 -0.28 1.26 33.51
C LYS F 199 -1.55 1.77 32.85
N ILE F 200 -2.66 1.15 33.22
CA ILE F 200 -3.96 1.52 32.70
C ILE F 200 -4.79 2.02 33.87
N VAL F 201 -5.47 3.15 33.69
CA VAL F 201 -6.31 3.70 34.74
C VAL F 201 -7.72 3.91 34.21
N SER F 202 -8.67 4.03 35.13
CA SER F 202 -10.08 4.27 34.78
C SER F 202 -10.60 5.40 35.66
N PRO F 203 -10.10 6.62 35.44
CA PRO F 203 -10.50 7.80 36.22
C PRO F 203 -12.00 8.14 36.21
N LEU F 204 -12.72 7.73 35.18
CA LEU F 204 -14.15 8.04 35.10
C LEU F 204 -15.01 7.17 36.01
N LEU F 205 -14.38 6.44 36.91
CA LEU F 205 -15.12 5.59 37.85
C LEU F 205 -15.27 6.27 39.21
N ASN F 206 -16.52 6.44 39.65
CA ASN F 206 -16.83 7.08 40.93
C ASN F 206 -16.78 6.09 42.09
#